data_1MUV
# 
_entry.id   1MUV 
# 
_audit_conform.dict_name       mmcif_pdbx.dic 
_audit_conform.dict_version    5.392 
_audit_conform.dict_location   http://mmcif.pdb.org/dictionaries/ascii/mmcif_pdbx.dic 
# 
loop_
_database_2.database_id 
_database_2.database_code 
_database_2.pdbx_database_accession 
_database_2.pdbx_DOI 
PDB   1MUV         pdb_00001muv 10.2210/pdb1muv/pdb 
RCSB  RCSB017201   ?            ?                   
WWPDB D_1000017201 ?            ?                   
# 
loop_
_pdbx_audit_revision_history.ordinal 
_pdbx_audit_revision_history.data_content_type 
_pdbx_audit_revision_history.major_revision 
_pdbx_audit_revision_history.minor_revision 
_pdbx_audit_revision_history.revision_date 
1 'Structure model' 1 0 2002-12-18 
2 'Structure model' 1 1 2008-04-28 
3 'Structure model' 1 2 2011-07-13 
4 'Structure model' 1 3 2022-02-23 
5 'Structure model' 1 4 2024-05-22 
# 
_pdbx_audit_revision_details.ordinal             1 
_pdbx_audit_revision_details.revision_ordinal    1 
_pdbx_audit_revision_details.data_content_type   'Structure model' 
_pdbx_audit_revision_details.provider            repository 
_pdbx_audit_revision_details.type                'Initial release' 
_pdbx_audit_revision_details.description         ? 
_pdbx_audit_revision_details.details             ? 
# 
loop_
_pdbx_audit_revision_group.ordinal 
_pdbx_audit_revision_group.revision_ordinal 
_pdbx_audit_revision_group.data_content_type 
_pdbx_audit_revision_group.group 
1 2 'Structure model' 'Version format compliance' 
2 3 'Structure model' 'Version format compliance' 
3 4 'Structure model' 'Data collection'           
4 4 'Structure model' 'Database references'       
5 4 'Structure model' 'Derived calculations'      
6 5 'Structure model' 'Data collection'           
# 
loop_
_pdbx_audit_revision_category.ordinal 
_pdbx_audit_revision_category.revision_ordinal 
_pdbx_audit_revision_category.data_content_type 
_pdbx_audit_revision_category.category 
1 4 'Structure model' database_2            
2 4 'Structure model' pdbx_nmr_software     
3 4 'Structure model' pdbx_struct_assembly  
4 4 'Structure model' pdbx_struct_oper_list 
5 5 'Structure model' chem_comp_atom        
6 5 'Structure model' chem_comp_bond        
# 
loop_
_pdbx_audit_revision_item.ordinal 
_pdbx_audit_revision_item.revision_ordinal 
_pdbx_audit_revision_item.data_content_type 
_pdbx_audit_revision_item.item 
1 4 'Structure model' '_database_2.pdbx_DOI'                
2 4 'Structure model' '_database_2.pdbx_database_accession' 
3 4 'Structure model' '_pdbx_nmr_software.name'             
# 
_pdbx_database_status.status_code                     REL 
_pdbx_database_status.entry_id                        1MUV 
_pdbx_database_status.recvd_initial_deposition_date   2002-09-24 
_pdbx_database_status.deposit_site                    RCSB 
_pdbx_database_status.process_site                    RCSB 
_pdbx_database_status.status_code_mr                  REL 
_pdbx_database_status.SG_entry                        . 
_pdbx_database_status.pdb_format_compatible           Y 
_pdbx_database_status.status_code_sf                  ? 
_pdbx_database_status.status_code_cs                  ? 
_pdbx_database_status.status_code_nmr_data            ? 
_pdbx_database_status.methods_development_category    ? 
# 
loop_
_pdbx_database_related.db_name 
_pdbx_database_related.db_id 
_pdbx_database_related.details 
_pdbx_database_related.content_type 
PDB 1YFV '1yfv is Tandem, sheared GA pairs in the same stem, determined by 2D NMR'                                           
unspecified 
PDB 1GID '1gid is Tandem, sheared AA pairs in the J4/5 loop of Tetrahymena thermophila, determined by x-ray crystallography' 
unspecified 
PDB 1MV1 
;1mv1 is The tandem, sheared PA Pairs in 5'(rGGCPAGCCU)2
;
unspecified 
PDB 1MV2 
;1mv2 is The tandem, Face-to-Face AP Pairs in 5'(rGGCAPGCCU)2
;
unspecified 
PDB 1MV6 
;1mv6 is The tandem, Sheared PP Pairs in 5'(rGGCPPGCCU)2
;
unspecified 
# 
loop_
_audit_author.name 
_audit_author.pdbx_ordinal 
'Znosko, B.M.'    1 
'Burkard, M.E.'   2 
'Schroeder, S.J.' 3 
'Krugh, T.R.'     4 
'Turner, D.H.'    5 
# 
loop_
_citation.id 
_citation.title 
_citation.journal_abbrev 
_citation.journal_volume 
_citation.page_first 
_citation.page_last 
_citation.year 
_citation.journal_id_ASTM 
_citation.country 
_citation.journal_id_ISSN 
_citation.journal_id_CSD 
_citation.book_publisher 
_citation.pdbx_database_id_PubMed 
_citation.pdbx_database_id_DOI 
primary 
;Sheared Aanti-Aanti Base Pairs in a Destabilizing 2x2 Internal Loop:  The NMR Structure of  
5'(rGGCAAGCCU)2
;
Biochemistry 41 14969 14977 2002 BICHAW US 0006-2960 0033 ? 12475246 10.1021/bi020326f 
1       
;Molecular Recognition in Purine-Rich Internal Loops:  Thermodynamic, Structural, and Dynamic Consequences of Purine for Adenine Substitutions in 5'(rGGCAAGCCU)2
;
Biochemistry 41 14978 14987 2002 BICHAW US 0006-2960 0033 ? ?        10.1021/bi0203278 
# 
loop_
_citation_author.citation_id 
_citation_author.name 
_citation_author.ordinal 
_citation_author.identifier_ORCID 
primary 'Znosko, B.M.'    1 ? 
primary 'Burkard, M.E.'   2 ? 
primary 'Schroeder, S.J.' 3 ? 
primary 'Krugh, T.R.'     4 ? 
primary 'Turner, D.H.'    5 ? 
1       'Znosko, B.M.'    6 ? 
1       'Burkard, M.E.'   7 ? 
1       'Krugh, T.R.'     8 ? 
1       'Turner, D.H.'    9 ? 
# 
_entity.id                         1 
_entity.type                       polymer 
_entity.src_method                 syn 
_entity.pdbx_description           "5'-R(*GP*GP*CP*AP*AP*GP*CP*CP*U)-3'" 
_entity.formula_weight             2870.783 
_entity.pdbx_number_of_molecules   2 
_entity.pdbx_ec                    ? 
_entity.pdbx_mutation              ? 
_entity.pdbx_fragment              ? 
_entity.details                    ? 
# 
_entity_poly.entity_id                      1 
_entity_poly.type                           polyribonucleotide 
_entity_poly.nstd_linkage                   no 
_entity_poly.nstd_monomer                   no 
_entity_poly.pdbx_seq_one_letter_code       GGCAAGCCU 
_entity_poly.pdbx_seq_one_letter_code_can   GGCAAGCCU 
_entity_poly.pdbx_strand_id                 A,B 
_entity_poly.pdbx_target_identifier         ? 
# 
loop_
_entity_poly_seq.entity_id 
_entity_poly_seq.num 
_entity_poly_seq.mon_id 
_entity_poly_seq.hetero 
1 1 G n 
1 2 G n 
1 3 C n 
1 4 A n 
1 5 A n 
1 6 G n 
1 7 C n 
1 8 C n 
1 9 U n 
# 
loop_
_chem_comp.id 
_chem_comp.type 
_chem_comp.mon_nstd_flag 
_chem_comp.name 
_chem_comp.pdbx_synonyms 
_chem_comp.formula 
_chem_comp.formula_weight 
A 'RNA linking' y "ADENOSINE-5'-MONOPHOSPHATE" ? 'C10 H14 N5 O7 P' 347.221 
C 'RNA linking' y "CYTIDINE-5'-MONOPHOSPHATE"  ? 'C9 H14 N3 O8 P'  323.197 
G 'RNA linking' y "GUANOSINE-5'-MONOPHOSPHATE" ? 'C10 H14 N5 O8 P' 363.221 
U 'RNA linking' y "URIDINE-5'-MONOPHOSPHATE"   ? 'C9 H13 N2 O9 P'  324.181 
# 
loop_
_pdbx_poly_seq_scheme.asym_id 
_pdbx_poly_seq_scheme.entity_id 
_pdbx_poly_seq_scheme.seq_id 
_pdbx_poly_seq_scheme.mon_id 
_pdbx_poly_seq_scheme.ndb_seq_num 
_pdbx_poly_seq_scheme.pdb_seq_num 
_pdbx_poly_seq_scheme.auth_seq_num 
_pdbx_poly_seq_scheme.pdb_mon_id 
_pdbx_poly_seq_scheme.auth_mon_id 
_pdbx_poly_seq_scheme.pdb_strand_id 
_pdbx_poly_seq_scheme.pdb_ins_code 
_pdbx_poly_seq_scheme.hetero 
A 1 1 G 1 1 1 G G A . n 
A 1 2 G 2 2 2 G G A . n 
A 1 3 C 3 3 3 C C A . n 
A 1 4 A 4 4 4 A A A . n 
A 1 5 A 5 5 5 A A A . n 
A 1 6 G 6 6 6 G G A . n 
A 1 7 C 7 7 7 C C A . n 
A 1 8 C 8 8 8 C C A . n 
A 1 9 U 9 9 9 U U A . n 
B 1 1 G 1 1 1 G G B . n 
B 1 2 G 2 2 2 G G B . n 
B 1 3 C 3 3 3 C C B . n 
B 1 4 A 4 4 4 A A B . n 
B 1 5 A 5 5 5 A A B . n 
B 1 6 G 6 6 6 G G B . n 
B 1 7 C 7 7 7 C C B . n 
B 1 8 C 8 8 8 C C B . n 
B 1 9 U 9 9 9 U U B . n 
# 
_exptl.entry_id          1MUV 
_exptl.method            'SOLUTION NMR' 
_exptl.crystals_number   ? 
# 
_exptl_crystal.id                    1 
_exptl_crystal.density_meas          ? 
_exptl_crystal.density_Matthews      ? 
_exptl_crystal.density_percent_sol   ? 
_exptl_crystal.description           ? 
# 
_diffrn.id                     1 
_diffrn.crystal_id             1 
_diffrn.ambient_temp           ? 
_diffrn.ambient_temp_details   ? 
# 
_diffrn_radiation.diffrn_id                        1 
_diffrn_radiation.wavelength_id                    1 
_diffrn_radiation.pdbx_monochromatic_or_laue_m_l   M 
_diffrn_radiation.monochromator                    ? 
_diffrn_radiation.pdbx_diffrn_protocol             'SINGLE WAVELENGTH' 
_diffrn_radiation.pdbx_scattering_type             ? 
# 
_diffrn_radiation_wavelength.id           1 
_diffrn_radiation_wavelength.wavelength   . 
_diffrn_radiation_wavelength.wt           1.0 
# 
_struct.entry_id                  1MUV 
_struct.title                     
;Sheared A(anti)-A(anti) Base Pairs in a Destabilizing 2x2 Internal Loop: The NMR Structure of 5'(rGGCAAGCCU)2
;
_struct.pdbx_model_details        ? 
_struct.pdbx_CASP_flag            ? 
_struct.pdbx_model_type_details   ? 
# 
_struct_keywords.entry_id        1MUV 
_struct_keywords.pdbx_keywords   RNA 
_struct_keywords.text            'ribonucleic acid, duplex, tandem mismatch, AA mismatch, RNA' 
# 
loop_
_struct_asym.id 
_struct_asym.pdbx_blank_PDB_chainid_flag 
_struct_asym.pdbx_modified 
_struct_asym.entity_id 
_struct_asym.details 
A N N 1 ? 
B N N 1 ? 
# 
_struct_ref.id                         1 
_struct_ref.entity_id                  1 
_struct_ref.db_name                    PDB 
_struct_ref.db_code                    1MUV 
_struct_ref.pdbx_db_accession          1MUV 
_struct_ref.pdbx_db_isoform            ? 
_struct_ref.pdbx_seq_one_letter_code   ? 
_struct_ref.pdbx_align_begin           ? 
# 
loop_
_struct_ref_seq.align_id 
_struct_ref_seq.ref_id 
_struct_ref_seq.pdbx_PDB_id_code 
_struct_ref_seq.pdbx_strand_id 
_struct_ref_seq.seq_align_beg 
_struct_ref_seq.pdbx_seq_align_beg_ins_code 
_struct_ref_seq.seq_align_end 
_struct_ref_seq.pdbx_seq_align_end_ins_code 
_struct_ref_seq.pdbx_db_accession 
_struct_ref_seq.db_align_beg 
_struct_ref_seq.pdbx_db_align_beg_ins_code 
_struct_ref_seq.db_align_end 
_struct_ref_seq.pdbx_db_align_end_ins_code 
_struct_ref_seq.pdbx_auth_seq_align_beg 
_struct_ref_seq.pdbx_auth_seq_align_end 
1 1 1MUV A 1 ? 9 ? 1MUV 1 ? 9 ? 1 9 
2 1 1MUV B 1 ? 9 ? 1MUV 1 ? 9 ? 1 9 
# 
_pdbx_struct_assembly.id                   1 
_pdbx_struct_assembly.details              author_defined_assembly 
_pdbx_struct_assembly.method_details       ? 
_pdbx_struct_assembly.oligomeric_details   dimeric 
_pdbx_struct_assembly.oligomeric_count     2 
# 
_pdbx_struct_assembly_gen.assembly_id       1 
_pdbx_struct_assembly_gen.oper_expression   1 
_pdbx_struct_assembly_gen.asym_id_list      A,B 
# 
_pdbx_struct_oper_list.id                   1 
_pdbx_struct_oper_list.type                 'identity operation' 
_pdbx_struct_oper_list.name                 1_555 
_pdbx_struct_oper_list.symmetry_operation   x,y,z 
_pdbx_struct_oper_list.matrix[1][1]         1.0000000000 
_pdbx_struct_oper_list.matrix[1][2]         0.0000000000 
_pdbx_struct_oper_list.matrix[1][3]         0.0000000000 
_pdbx_struct_oper_list.vector[1]            0.0000000000 
_pdbx_struct_oper_list.matrix[2][1]         0.0000000000 
_pdbx_struct_oper_list.matrix[2][2]         1.0000000000 
_pdbx_struct_oper_list.matrix[2][3]         0.0000000000 
_pdbx_struct_oper_list.vector[2]            0.0000000000 
_pdbx_struct_oper_list.matrix[3][1]         0.0000000000 
_pdbx_struct_oper_list.matrix[3][2]         0.0000000000 
_pdbx_struct_oper_list.matrix[3][3]         1.0000000000 
_pdbx_struct_oper_list.vector[3]            0.0000000000 
# 
_struct_biol.id   1 
# 
loop_
_struct_conn.id 
_struct_conn.conn_type_id 
_struct_conn.pdbx_leaving_atom_flag 
_struct_conn.pdbx_PDB_id 
_struct_conn.ptnr1_label_asym_id 
_struct_conn.ptnr1_label_comp_id 
_struct_conn.ptnr1_label_seq_id 
_struct_conn.ptnr1_label_atom_id 
_struct_conn.pdbx_ptnr1_label_alt_id 
_struct_conn.pdbx_ptnr1_PDB_ins_code 
_struct_conn.pdbx_ptnr1_standard_comp_id 
_struct_conn.ptnr1_symmetry 
_struct_conn.ptnr2_label_asym_id 
_struct_conn.ptnr2_label_comp_id 
_struct_conn.ptnr2_label_seq_id 
_struct_conn.ptnr2_label_atom_id 
_struct_conn.pdbx_ptnr2_label_alt_id 
_struct_conn.pdbx_ptnr2_PDB_ins_code 
_struct_conn.ptnr1_auth_asym_id 
_struct_conn.ptnr1_auth_comp_id 
_struct_conn.ptnr1_auth_seq_id 
_struct_conn.ptnr2_auth_asym_id 
_struct_conn.ptnr2_auth_comp_id 
_struct_conn.ptnr2_auth_seq_id 
_struct_conn.ptnr2_symmetry 
_struct_conn.pdbx_ptnr3_label_atom_id 
_struct_conn.pdbx_ptnr3_label_seq_id 
_struct_conn.pdbx_ptnr3_label_comp_id 
_struct_conn.pdbx_ptnr3_label_asym_id 
_struct_conn.pdbx_ptnr3_label_alt_id 
_struct_conn.pdbx_ptnr3_PDB_ins_code 
_struct_conn.details 
_struct_conn.pdbx_dist_value 
_struct_conn.pdbx_value_order 
_struct_conn.pdbx_role 
hydrog1  hydrog ? ? A G 1 N1 ? ? ? 1_555 B C 8 N3 ? ? A G 1 B C 8 1_555 ? ? ? ? ? ? WATSON-CRICK  ? ? ? 
hydrog2  hydrog ? ? A G 1 N2 ? ? ? 1_555 B C 8 O2 ? ? A G 1 B C 8 1_555 ? ? ? ? ? ? WATSON-CRICK  ? ? ? 
hydrog3  hydrog ? ? A G 1 O6 ? ? ? 1_555 B C 8 N4 ? ? A G 1 B C 8 1_555 ? ? ? ? ? ? WATSON-CRICK  ? ? ? 
hydrog4  hydrog ? ? A G 2 N1 ? ? ? 1_555 B C 7 N3 ? ? A G 2 B C 7 1_555 ? ? ? ? ? ? WATSON-CRICK  ? ? ? 
hydrog5  hydrog ? ? A G 2 N2 ? ? ? 1_555 B C 7 O2 ? ? A G 2 B C 7 1_555 ? ? ? ? ? ? WATSON-CRICK  ? ? ? 
hydrog6  hydrog ? ? A G 2 O6 ? ? ? 1_555 B C 7 N4 ? ? A G 2 B C 7 1_555 ? ? ? ? ? ? WATSON-CRICK  ? ? ? 
hydrog7  hydrog ? ? A C 3 N3 ? ? ? 1_555 B G 6 N1 ? ? A C 3 B G 6 1_555 ? ? ? ? ? ? WATSON-CRICK  ? ? ? 
hydrog8  hydrog ? ? A C 3 N4 ? ? ? 1_555 B G 6 O6 ? ? A C 3 B G 6 1_555 ? ? ? ? ? ? WATSON-CRICK  ? ? ? 
hydrog9  hydrog ? ? A C 3 O2 ? ? ? 1_555 B G 6 N2 ? ? A C 3 B G 6 1_555 ? ? ? ? ? ? WATSON-CRICK  ? ? ? 
hydrog10 hydrog ? ? A A 4 N3 ? ? ? 1_555 B A 5 N6 ? ? A A 4 B A 5 1_555 ? ? ? ? ? ? 'A-A MISPAIR' ? ? ? 
hydrog11 hydrog ? ? A A 5 N6 ? ? ? 1_555 B A 4 N3 ? ? A A 5 B A 4 1_555 ? ? ? ? ? ? 'A-A MISPAIR' ? ? ? 
hydrog12 hydrog ? ? A G 6 N1 ? ? ? 1_555 B C 3 N3 ? ? A G 6 B C 3 1_555 ? ? ? ? ? ? WATSON-CRICK  ? ? ? 
hydrog13 hydrog ? ? A G 6 N2 ? ? ? 1_555 B C 3 O2 ? ? A G 6 B C 3 1_555 ? ? ? ? ? ? WATSON-CRICK  ? ? ? 
hydrog14 hydrog ? ? A G 6 O6 ? ? ? 1_555 B C 3 N4 ? ? A G 6 B C 3 1_555 ? ? ? ? ? ? WATSON-CRICK  ? ? ? 
hydrog15 hydrog ? ? A C 7 N3 ? ? ? 1_555 B G 2 N1 ? ? A C 7 B G 2 1_555 ? ? ? ? ? ? WATSON-CRICK  ? ? ? 
hydrog16 hydrog ? ? A C 7 N4 ? ? ? 1_555 B G 2 O6 ? ? A C 7 B G 2 1_555 ? ? ? ? ? ? WATSON-CRICK  ? ? ? 
hydrog17 hydrog ? ? A C 7 O2 ? ? ? 1_555 B G 2 N2 ? ? A C 7 B G 2 1_555 ? ? ? ? ? ? WATSON-CRICK  ? ? ? 
hydrog18 hydrog ? ? A C 8 N3 ? ? ? 1_555 B G 1 N1 ? ? A C 8 B G 1 1_555 ? ? ? ? ? ? WATSON-CRICK  ? ? ? 
hydrog19 hydrog ? ? A C 8 N4 ? ? ? 1_555 B G 1 O6 ? ? A C 8 B G 1 1_555 ? ? ? ? ? ? WATSON-CRICK  ? ? ? 
hydrog20 hydrog ? ? A C 8 O2 ? ? ? 1_555 B G 1 N2 ? ? A C 8 B G 1 1_555 ? ? ? ? ? ? WATSON-CRICK  ? ? ? 
# 
_struct_conn_type.id          hydrog 
_struct_conn_type.criteria    ? 
_struct_conn_type.reference   ? 
# 
loop_
_pdbx_validate_rmsd_angle.id 
_pdbx_validate_rmsd_angle.PDB_model_num 
_pdbx_validate_rmsd_angle.auth_atom_id_1 
_pdbx_validate_rmsd_angle.auth_asym_id_1 
_pdbx_validate_rmsd_angle.auth_comp_id_1 
_pdbx_validate_rmsd_angle.auth_seq_id_1 
_pdbx_validate_rmsd_angle.PDB_ins_code_1 
_pdbx_validate_rmsd_angle.label_alt_id_1 
_pdbx_validate_rmsd_angle.auth_atom_id_2 
_pdbx_validate_rmsd_angle.auth_asym_id_2 
_pdbx_validate_rmsd_angle.auth_comp_id_2 
_pdbx_validate_rmsd_angle.auth_seq_id_2 
_pdbx_validate_rmsd_angle.PDB_ins_code_2 
_pdbx_validate_rmsd_angle.label_alt_id_2 
_pdbx_validate_rmsd_angle.auth_atom_id_3 
_pdbx_validate_rmsd_angle.auth_asym_id_3 
_pdbx_validate_rmsd_angle.auth_comp_id_3 
_pdbx_validate_rmsd_angle.auth_seq_id_3 
_pdbx_validate_rmsd_angle.PDB_ins_code_3 
_pdbx_validate_rmsd_angle.label_alt_id_3 
_pdbx_validate_rmsd_angle.angle_value 
_pdbx_validate_rmsd_angle.angle_target_value 
_pdbx_validate_rmsd_angle.angle_deviation 
_pdbx_validate_rmsd_angle.angle_standard_deviation 
_pdbx_validate_rmsd_angle.linker_flag 
1 1 "O4'" A C 3 ? ? "C1'" A C 3 ? ? N1 A C 3 ? ? 114.01 108.50 5.51 0.70 N 
2 1 "O4'" A C 8 ? ? "C1'" A C 8 ? ? N1 A C 8 ? ? 113.53 108.50 5.03 0.70 N 
3 1 "O4'" B C 3 ? ? "C1'" B C 3 ? ? N1 B C 3 ? ? 113.98 108.50 5.48 0.70 N 
4 1 "O4'" B C 8 ? ? "C1'" B C 8 ? ? N1 B C 8 ? ? 113.43 108.50 4.93 0.70 N 
# 
_pdbx_nmr_ensemble.entry_id                                      1MUV 
_pdbx_nmr_ensemble.conformers_calculated_total_number            ? 
_pdbx_nmr_ensemble.conformers_submitted_total_number             1 
_pdbx_nmr_ensemble.conformer_selection_criteria                  ? 
_pdbx_nmr_ensemble.average_constraints_per_residue               ? 
_pdbx_nmr_ensemble.average_constraint_violations_per_residue     ? 
_pdbx_nmr_ensemble.maximum_distance_constraint_violation         ? 
_pdbx_nmr_ensemble.average_distance_constraint_violation         ? 
_pdbx_nmr_ensemble.maximum_upper_distance_constraint_violation   ? 
_pdbx_nmr_ensemble.maximum_lower_distance_constraint_violation   ? 
_pdbx_nmr_ensemble.distance_constraint_violation_method          ? 
_pdbx_nmr_ensemble.maximum_torsion_angle_constraint_violation    ? 
_pdbx_nmr_ensemble.average_torsion_angle_constraint_violation    ? 
_pdbx_nmr_ensemble.torsion_angle_constraint_violation_method     ? 
# 
_pdbx_nmr_representative.entry_id             1MUV 
_pdbx_nmr_representative.conformer_id         1 
_pdbx_nmr_representative.selection_criteria   'closest to the average' 
# 
loop_
_pdbx_nmr_sample_details.solution_id 
_pdbx_nmr_sample_details.contents 
_pdbx_nmr_sample_details.solvent_system 
1 '1mM RNA, 80 mM NaCl, 10mM phosphate buffer, 0.5mM EDTA; 90% H2O, 10% D2O' '90% H2O/10% D2O' 
2 '2mM RNA, 80 mM NaCl, 10mM phosphate buffer, 0.5mM EDTA; 99.996% D2O'      '99.996% D2O'     
# 
loop_
_pdbx_nmr_exptl_sample_conditions.conditions_id 
_pdbx_nmr_exptl_sample_conditions.temperature 
_pdbx_nmr_exptl_sample_conditions.pressure 
_pdbx_nmr_exptl_sample_conditions.pH 
_pdbx_nmr_exptl_sample_conditions.ionic_strength 
_pdbx_nmr_exptl_sample_conditions.pressure_units 
_pdbx_nmr_exptl_sample_conditions.temperature_units 
1 273 ambient 6.8 '80 mM NaCl' ? K 
2 303 ambient 6.9 '80 mM NaCl' ? K 
# 
_pdbx_nmr_exptl.experiment_id   1 
_pdbx_nmr_exptl.solution_id     2 
_pdbx_nmr_exptl.conditions_id   2 
_pdbx_nmr_exptl.type            '2D NOESY' 
# 
_pdbx_nmr_refine.entry_id           1MUV 
_pdbx_nmr_refine.method             'simulated annealing, energy minimization' 
_pdbx_nmr_refine.details            
;The structure is based on a total of 83 interproton distance restraints per strand, 18 hydrogen bond restraints, and 46 dihedral angle restraints per strand
;
_pdbx_nmr_refine.software_ordinal   1 
# 
loop_
_pdbx_nmr_software.name 
_pdbx_nmr_software.version 
_pdbx_nmr_software.classification 
_pdbx_nmr_software.authors 
_pdbx_nmr_software.ordinal 
VNMR     5.2  collection           Varian 1 
Felix    2000 'data analysis'      MSI    2 
Discover 95.0 'structure solution' MSI    3 
Discover 95.0 refinement           MSI    4 
# 
loop_
_chem_comp_atom.comp_id 
_chem_comp_atom.atom_id 
_chem_comp_atom.type_symbol 
_chem_comp_atom.pdbx_aromatic_flag 
_chem_comp_atom.pdbx_stereo_config 
_chem_comp_atom.pdbx_ordinal 
A OP3    O N N 1   
A P      P N N 2   
A OP1    O N N 3   
A OP2    O N N 4   
A "O5'"  O N N 5   
A "C5'"  C N N 6   
A "C4'"  C N R 7   
A "O4'"  O N N 8   
A "C3'"  C N S 9   
A "O3'"  O N N 10  
A "C2'"  C N R 11  
A "O2'"  O N N 12  
A "C1'"  C N R 13  
A N9     N Y N 14  
A C8     C Y N 15  
A N7     N Y N 16  
A C5     C Y N 17  
A C6     C Y N 18  
A N6     N N N 19  
A N1     N Y N 20  
A C2     C Y N 21  
A N3     N Y N 22  
A C4     C Y N 23  
A HOP3   H N N 24  
A HOP2   H N N 25  
A "H5'"  H N N 26  
A "H5''" H N N 27  
A "H4'"  H N N 28  
A "H3'"  H N N 29  
A "HO3'" H N N 30  
A "H2'"  H N N 31  
A "HO2'" H N N 32  
A "H1'"  H N N 33  
A H8     H N N 34  
A H61    H N N 35  
A H62    H N N 36  
A H2     H N N 37  
C OP3    O N N 38  
C P      P N N 39  
C OP1    O N N 40  
C OP2    O N N 41  
C "O5'"  O N N 42  
C "C5'"  C N N 43  
C "C4'"  C N R 44  
C "O4'"  O N N 45  
C "C3'"  C N S 46  
C "O3'"  O N N 47  
C "C2'"  C N R 48  
C "O2'"  O N N 49  
C "C1'"  C N R 50  
C N1     N N N 51  
C C2     C N N 52  
C O2     O N N 53  
C N3     N N N 54  
C C4     C N N 55  
C N4     N N N 56  
C C5     C N N 57  
C C6     C N N 58  
C HOP3   H N N 59  
C HOP2   H N N 60  
C "H5'"  H N N 61  
C "H5''" H N N 62  
C "H4'"  H N N 63  
C "H3'"  H N N 64  
C "HO3'" H N N 65  
C "H2'"  H N N 66  
C "HO2'" H N N 67  
C "H1'"  H N N 68  
C H41    H N N 69  
C H42    H N N 70  
C H5     H N N 71  
C H6     H N N 72  
G OP3    O N N 73  
G P      P N N 74  
G OP1    O N N 75  
G OP2    O N N 76  
G "O5'"  O N N 77  
G "C5'"  C N N 78  
G "C4'"  C N R 79  
G "O4'"  O N N 80  
G "C3'"  C N S 81  
G "O3'"  O N N 82  
G "C2'"  C N R 83  
G "O2'"  O N N 84  
G "C1'"  C N R 85  
G N9     N Y N 86  
G C8     C Y N 87  
G N7     N Y N 88  
G C5     C Y N 89  
G C6     C N N 90  
G O6     O N N 91  
G N1     N N N 92  
G C2     C N N 93  
G N2     N N N 94  
G N3     N N N 95  
G C4     C Y N 96  
G HOP3   H N N 97  
G HOP2   H N N 98  
G "H5'"  H N N 99  
G "H5''" H N N 100 
G "H4'"  H N N 101 
G "H3'"  H N N 102 
G "HO3'" H N N 103 
G "H2'"  H N N 104 
G "HO2'" H N N 105 
G "H1'"  H N N 106 
G H8     H N N 107 
G H1     H N N 108 
G H21    H N N 109 
G H22    H N N 110 
U OP3    O N N 111 
U P      P N N 112 
U OP1    O N N 113 
U OP2    O N N 114 
U "O5'"  O N N 115 
U "C5'"  C N N 116 
U "C4'"  C N R 117 
U "O4'"  O N N 118 
U "C3'"  C N S 119 
U "O3'"  O N N 120 
U "C2'"  C N R 121 
U "O2'"  O N N 122 
U "C1'"  C N R 123 
U N1     N N N 124 
U C2     C N N 125 
U O2     O N N 126 
U N3     N N N 127 
U C4     C N N 128 
U O4     O N N 129 
U C5     C N N 130 
U C6     C N N 131 
U HOP3   H N N 132 
U HOP2   H N N 133 
U "H5'"  H N N 134 
U "H5''" H N N 135 
U "H4'"  H N N 136 
U "H3'"  H N N 137 
U "HO3'" H N N 138 
U "H2'"  H N N 139 
U "HO2'" H N N 140 
U "H1'"  H N N 141 
U H3     H N N 142 
U H5     H N N 143 
U H6     H N N 144 
# 
loop_
_chem_comp_bond.comp_id 
_chem_comp_bond.atom_id_1 
_chem_comp_bond.atom_id_2 
_chem_comp_bond.value_order 
_chem_comp_bond.pdbx_aromatic_flag 
_chem_comp_bond.pdbx_stereo_config 
_chem_comp_bond.pdbx_ordinal 
A OP3   P      sing N N 1   
A OP3   HOP3   sing N N 2   
A P     OP1    doub N N 3   
A P     OP2    sing N N 4   
A P     "O5'"  sing N N 5   
A OP2   HOP2   sing N N 6   
A "O5'" "C5'"  sing N N 7   
A "C5'" "C4'"  sing N N 8   
A "C5'" "H5'"  sing N N 9   
A "C5'" "H5''" sing N N 10  
A "C4'" "O4'"  sing N N 11  
A "C4'" "C3'"  sing N N 12  
A "C4'" "H4'"  sing N N 13  
A "O4'" "C1'"  sing N N 14  
A "C3'" "O3'"  sing N N 15  
A "C3'" "C2'"  sing N N 16  
A "C3'" "H3'"  sing N N 17  
A "O3'" "HO3'" sing N N 18  
A "C2'" "O2'"  sing N N 19  
A "C2'" "C1'"  sing N N 20  
A "C2'" "H2'"  sing N N 21  
A "O2'" "HO2'" sing N N 22  
A "C1'" N9     sing N N 23  
A "C1'" "H1'"  sing N N 24  
A N9    C8     sing Y N 25  
A N9    C4     sing Y N 26  
A C8    N7     doub Y N 27  
A C8    H8     sing N N 28  
A N7    C5     sing Y N 29  
A C5    C6     sing Y N 30  
A C5    C4     doub Y N 31  
A C6    N6     sing N N 32  
A C6    N1     doub Y N 33  
A N6    H61    sing N N 34  
A N6    H62    sing N N 35  
A N1    C2     sing Y N 36  
A C2    N3     doub Y N 37  
A C2    H2     sing N N 38  
A N3    C4     sing Y N 39  
C OP3   P      sing N N 40  
C OP3   HOP3   sing N N 41  
C P     OP1    doub N N 42  
C P     OP2    sing N N 43  
C P     "O5'"  sing N N 44  
C OP2   HOP2   sing N N 45  
C "O5'" "C5'"  sing N N 46  
C "C5'" "C4'"  sing N N 47  
C "C5'" "H5'"  sing N N 48  
C "C5'" "H5''" sing N N 49  
C "C4'" "O4'"  sing N N 50  
C "C4'" "C3'"  sing N N 51  
C "C4'" "H4'"  sing N N 52  
C "O4'" "C1'"  sing N N 53  
C "C3'" "O3'"  sing N N 54  
C "C3'" "C2'"  sing N N 55  
C "C3'" "H3'"  sing N N 56  
C "O3'" "HO3'" sing N N 57  
C "C2'" "O2'"  sing N N 58  
C "C2'" "C1'"  sing N N 59  
C "C2'" "H2'"  sing N N 60  
C "O2'" "HO2'" sing N N 61  
C "C1'" N1     sing N N 62  
C "C1'" "H1'"  sing N N 63  
C N1    C2     sing N N 64  
C N1    C6     sing N N 65  
C C2    O2     doub N N 66  
C C2    N3     sing N N 67  
C N3    C4     doub N N 68  
C C4    N4     sing N N 69  
C C4    C5     sing N N 70  
C N4    H41    sing N N 71  
C N4    H42    sing N N 72  
C C5    C6     doub N N 73  
C C5    H5     sing N N 74  
C C6    H6     sing N N 75  
G OP3   P      sing N N 76  
G OP3   HOP3   sing N N 77  
G P     OP1    doub N N 78  
G P     OP2    sing N N 79  
G P     "O5'"  sing N N 80  
G OP2   HOP2   sing N N 81  
G "O5'" "C5'"  sing N N 82  
G "C5'" "C4'"  sing N N 83  
G "C5'" "H5'"  sing N N 84  
G "C5'" "H5''" sing N N 85  
G "C4'" "O4'"  sing N N 86  
G "C4'" "C3'"  sing N N 87  
G "C4'" "H4'"  sing N N 88  
G "O4'" "C1'"  sing N N 89  
G "C3'" "O3'"  sing N N 90  
G "C3'" "C2'"  sing N N 91  
G "C3'" "H3'"  sing N N 92  
G "O3'" "HO3'" sing N N 93  
G "C2'" "O2'"  sing N N 94  
G "C2'" "C1'"  sing N N 95  
G "C2'" "H2'"  sing N N 96  
G "O2'" "HO2'" sing N N 97  
G "C1'" N9     sing N N 98  
G "C1'" "H1'"  sing N N 99  
G N9    C8     sing Y N 100 
G N9    C4     sing Y N 101 
G C8    N7     doub Y N 102 
G C8    H8     sing N N 103 
G N7    C5     sing Y N 104 
G C5    C6     sing N N 105 
G C5    C4     doub Y N 106 
G C6    O6     doub N N 107 
G C6    N1     sing N N 108 
G N1    C2     sing N N 109 
G N1    H1     sing N N 110 
G C2    N2     sing N N 111 
G C2    N3     doub N N 112 
G N2    H21    sing N N 113 
G N2    H22    sing N N 114 
G N3    C4     sing N N 115 
U OP3   P      sing N N 116 
U OP3   HOP3   sing N N 117 
U P     OP1    doub N N 118 
U P     OP2    sing N N 119 
U P     "O5'"  sing N N 120 
U OP2   HOP2   sing N N 121 
U "O5'" "C5'"  sing N N 122 
U "C5'" "C4'"  sing N N 123 
U "C5'" "H5'"  sing N N 124 
U "C5'" "H5''" sing N N 125 
U "C4'" "O4'"  sing N N 126 
U "C4'" "C3'"  sing N N 127 
U "C4'" "H4'"  sing N N 128 
U "O4'" "C1'"  sing N N 129 
U "C3'" "O3'"  sing N N 130 
U "C3'" "C2'"  sing N N 131 
U "C3'" "H3'"  sing N N 132 
U "O3'" "HO3'" sing N N 133 
U "C2'" "O2'"  sing N N 134 
U "C2'" "C1'"  sing N N 135 
U "C2'" "H2'"  sing N N 136 
U "O2'" "HO2'" sing N N 137 
U "C1'" N1     sing N N 138 
U "C1'" "H1'"  sing N N 139 
U N1    C2     sing N N 140 
U N1    C6     sing N N 141 
U C2    O2     doub N N 142 
U C2    N3     sing N N 143 
U N3    C4     sing N N 144 
U N3    H3     sing N N 145 
U C4    O4     doub N N 146 
U C4    C5     sing N N 147 
U C5    C6     doub N N 148 
U C5    H5     sing N N 149 
U C6    H6     sing N N 150 
# 
loop_
_ndb_struct_conf_na.entry_id 
_ndb_struct_conf_na.feature 
1MUV 'double helix'         
1MUV 'a-form double helix'  
1MUV 'mismatched base pair' 
# 
loop_
_ndb_struct_na_base_pair.model_number 
_ndb_struct_na_base_pair.i_label_asym_id 
_ndb_struct_na_base_pair.i_label_comp_id 
_ndb_struct_na_base_pair.i_label_seq_id 
_ndb_struct_na_base_pair.i_symmetry 
_ndb_struct_na_base_pair.j_label_asym_id 
_ndb_struct_na_base_pair.j_label_comp_id 
_ndb_struct_na_base_pair.j_label_seq_id 
_ndb_struct_na_base_pair.j_symmetry 
_ndb_struct_na_base_pair.shear 
_ndb_struct_na_base_pair.stretch 
_ndb_struct_na_base_pair.stagger 
_ndb_struct_na_base_pair.buckle 
_ndb_struct_na_base_pair.propeller 
_ndb_struct_na_base_pair.opening 
_ndb_struct_na_base_pair.pair_number 
_ndb_struct_na_base_pair.pair_name 
_ndb_struct_na_base_pair.i_auth_asym_id 
_ndb_struct_na_base_pair.i_auth_seq_id 
_ndb_struct_na_base_pair.i_PDB_ins_code 
_ndb_struct_na_base_pair.j_auth_asym_id 
_ndb_struct_na_base_pair.j_auth_seq_id 
_ndb_struct_na_base_pair.j_PDB_ins_code 
_ndb_struct_na_base_pair.hbond_type_28 
_ndb_struct_na_base_pair.hbond_type_12 
1 A G 1 1_555 B C 8 1_555 -0.625 -0.166 -0.517 -16.992 -9.667  -1.115  1 A_G1:C8_B A 1 ? B 8 ? 19 1  
1 A G 2 1_555 B C 7 1_555 -0.198 0.020  -0.461 -17.367 -12.232 0.684   2 A_G2:C7_B A 2 ? B 7 ? 19 1  
1 A C 3 1_555 B G 6 1_555 0.663  -0.163 -0.099 -5.421  -7.961  0.309   3 A_C3:G6_B A 3 ? B 6 ? 19 1  
1 A A 4 1_555 B A 5 1_555 6.494  -4.342 -0.020 2.154   -5.615  -12.639 4 A_A4:A5_B A 4 ? B 5 ? ?  10 
1 A A 5 1_555 B A 4 1_555 -6.493 -4.340 -0.033 -2.471  -6.083  -12.697 5 A_A5:A4_B A 5 ? B 4 ? ?  10 
1 A G 6 1_555 B C 3 1_555 -0.662 -0.164 -0.118 4.739   -8.382  0.373   6 A_G6:C3_B A 6 ? B 3 ? 19 1  
1 A C 7 1_555 B G 2 1_555 0.196  0.021  -0.455 17.250  -11.890 0.614   7 A_C7:G2_B A 7 ? B 2 ? 19 1  
1 A C 8 1_555 B G 1 1_555 0.626  -0.160 -0.515 18.098  -9.831  -1.083  8 A_C8:G1_B A 8 ? B 1 ? 19 1  
# 
loop_
_ndb_struct_na_base_pair_step.model_number 
_ndb_struct_na_base_pair_step.i_label_asym_id_1 
_ndb_struct_na_base_pair_step.i_label_comp_id_1 
_ndb_struct_na_base_pair_step.i_label_seq_id_1 
_ndb_struct_na_base_pair_step.i_symmetry_1 
_ndb_struct_na_base_pair_step.j_label_asym_id_1 
_ndb_struct_na_base_pair_step.j_label_comp_id_1 
_ndb_struct_na_base_pair_step.j_label_seq_id_1 
_ndb_struct_na_base_pair_step.j_symmetry_1 
_ndb_struct_na_base_pair_step.i_label_asym_id_2 
_ndb_struct_na_base_pair_step.i_label_comp_id_2 
_ndb_struct_na_base_pair_step.i_label_seq_id_2 
_ndb_struct_na_base_pair_step.i_symmetry_2 
_ndb_struct_na_base_pair_step.j_label_asym_id_2 
_ndb_struct_na_base_pair_step.j_label_comp_id_2 
_ndb_struct_na_base_pair_step.j_label_seq_id_2 
_ndb_struct_na_base_pair_step.j_symmetry_2 
_ndb_struct_na_base_pair_step.shift 
_ndb_struct_na_base_pair_step.slide 
_ndb_struct_na_base_pair_step.rise 
_ndb_struct_na_base_pair_step.tilt 
_ndb_struct_na_base_pair_step.roll 
_ndb_struct_na_base_pair_step.twist 
_ndb_struct_na_base_pair_step.x_displacement 
_ndb_struct_na_base_pair_step.y_displacement 
_ndb_struct_na_base_pair_step.helical_rise 
_ndb_struct_na_base_pair_step.inclination 
_ndb_struct_na_base_pair_step.tip 
_ndb_struct_na_base_pair_step.helical_twist 
_ndb_struct_na_base_pair_step.step_number 
_ndb_struct_na_base_pair_step.step_name 
_ndb_struct_na_base_pair_step.i_auth_asym_id_1 
_ndb_struct_na_base_pair_step.i_auth_seq_id_1 
_ndb_struct_na_base_pair_step.i_PDB_ins_code_1 
_ndb_struct_na_base_pair_step.j_auth_asym_id_1 
_ndb_struct_na_base_pair_step.j_auth_seq_id_1 
_ndb_struct_na_base_pair_step.j_PDB_ins_code_1 
_ndb_struct_na_base_pair_step.i_auth_asym_id_2 
_ndb_struct_na_base_pair_step.i_auth_seq_id_2 
_ndb_struct_na_base_pair_step.i_PDB_ins_code_2 
_ndb_struct_na_base_pair_step.j_auth_asym_id_2 
_ndb_struct_na_base_pair_step.j_auth_seq_id_2 
_ndb_struct_na_base_pair_step.j_PDB_ins_code_2 
1 A G 1 1_555 B C 8 1_555 A G 2 1_555 B C 7 1_555 0.242  -1.872 3.344 1.518  10.495 30.267  -5.157 -0.183 2.576 19.369 -2.800 
32.030  1 AA_G1G2:C7C8_BB A 1 ? B 8 ? A 2 ? B 7 ? 
1 A G 2 1_555 B C 7 1_555 A C 3 1_555 B G 6 1_555 -0.023 -1.452 3.089 -1.484 1.623  33.333  -2.776 -0.190 3.015 2.825  2.584  
33.404  2 AA_G2C3:G6C7_BB A 2 ? B 7 ? A 3 ? B 6 ? 
1 A C 3 1_555 B G 6 1_555 A A 4 1_555 B A 5 1_555 -0.752 -0.733 3.255 1.325  3.249  60.828  -0.877 0.804  3.200 3.206  -1.307 
60.919  3 AA_C3A4:A5G6_BB A 3 ? B 6 ? A 4 ? B 5 ? 
1 A A 4 1_555 B A 5 1_555 A A 5 1_555 B A 4 1_555 -0.003 -1.760 3.430 0.154  1.515  -18.981 4.487  0.077  3.558 -4.584 0.466  
-19.041 4 AA_A4A5:A4A5_BB A 4 ? B 5 ? A 5 ? B 4 ? 
1 A A 5 1_555 B A 4 1_555 A G 6 1_555 B C 3 1_555 0.746  -0.724 3.273 -1.372 3.478  60.773  -0.880 -0.802 3.215 3.435  1.355  
60.877  5 AA_A5G6:C3A4_BB A 5 ? B 4 ? A 6 ? B 3 ? 
1 A G 6 1_555 B C 3 1_555 A C 7 1_555 B G 2 1_555 0.015  -1.422 3.079 1.314  1.555  33.407  -2.708 0.176  3.010 2.701  -2.283 
33.468  6 AA_G6C7:G2C3_BB A 6 ? B 3 ? A 7 ? B 2 ? 
1 A C 7 1_555 B G 2 1_555 A C 8 1_555 B G 1 1_555 -0.192 -1.840 3.319 -1.534 10.079 30.256  -5.053 0.090  2.594 18.656 2.839  
31.889  7 AA_C7C8:G1G2_BB A 7 ? B 2 ? A 8 ? B 1 ? 
# 
_pdbx_nmr_spectrometer.spectrometer_id   1 
_pdbx_nmr_spectrometer.type              ? 
_pdbx_nmr_spectrometer.manufacturer      Varian 
_pdbx_nmr_spectrometer.model             INOVA 
_pdbx_nmr_spectrometer.field_strength    500 
# 
_atom_sites.entry_id                    1MUV 
_atom_sites.fract_transf_matrix[1][1]   1.000000 
_atom_sites.fract_transf_matrix[1][2]   0.000000 
_atom_sites.fract_transf_matrix[1][3]   0.000000 
_atom_sites.fract_transf_matrix[2][1]   0.000000 
_atom_sites.fract_transf_matrix[2][2]   1.000000 
_atom_sites.fract_transf_matrix[2][3]   0.000000 
_atom_sites.fract_transf_matrix[3][1]   0.000000 
_atom_sites.fract_transf_matrix[3][2]   0.000000 
_atom_sites.fract_transf_matrix[3][3]   1.000000 
_atom_sites.fract_transf_vector[1]      0.00000 
_atom_sites.fract_transf_vector[2]      0.00000 
_atom_sites.fract_transf_vector[3]      0.00000 
# 
loop_
_atom_type.symbol 
C 
H 
N 
O 
P 
# 
loop_
_atom_site.group_PDB 
_atom_site.id 
_atom_site.type_symbol 
_atom_site.label_atom_id 
_atom_site.label_alt_id 
_atom_site.label_comp_id 
_atom_site.label_asym_id 
_atom_site.label_entity_id 
_atom_site.label_seq_id 
_atom_site.pdbx_PDB_ins_code 
_atom_site.Cartn_x 
_atom_site.Cartn_y 
_atom_site.Cartn_z 
_atom_site.occupancy 
_atom_site.B_iso_or_equiv 
_atom_site.pdbx_formal_charge 
_atom_site.auth_seq_id 
_atom_site.auth_comp_id 
_atom_site.auth_asym_id 
_atom_site.auth_atom_id 
_atom_site.pdbx_PDB_model_num 
ATOM 1   O "O5'"  . G A 1 1 ? -12.218 2.066   -5.948  1.00 0.00 ? 1 G A "O5'"  1 
ATOM 2   C "C5'"  . G A 1 1 ? -13.212 2.739   -6.700  1.00 0.00 ? 1 G A "C5'"  1 
ATOM 3   C "C4'"  . G A 1 1 ? -13.217 4.261   -6.477  1.00 0.00 ? 1 G A "C4'"  1 
ATOM 4   O "O4'"  . G A 1 1 ? -13.928 4.667   -5.314  1.00 0.00 ? 1 G A "O4'"  1 
ATOM 5   C "C3'"  . G A 1 1 ? -11.826 4.874   -6.346  1.00 0.00 ? 1 G A "C3'"  1 
ATOM 6   O "O3'"  . G A 1 1 ? -11.199 5.020   -7.602  1.00 0.00 ? 1 G A "O3'"  1 
ATOM 7   C "C2'"  . G A 1 1 ? -12.134 6.188   -5.653  1.00 0.00 ? 1 G A "C2'"  1 
ATOM 8   O "O2'"  . G A 1 1 ? -12.687 7.138   -6.546  1.00 0.00 ? 1 G A "O2'"  1 
ATOM 9   C "C1'"  . G A 1 1 ? -13.196 5.702   -4.658  1.00 0.00 ? 1 G A "C1'"  1 
ATOM 10  N N9     . G A 1 1 ? -12.595 5.137   -3.421  1.00 0.00 ? 1 G A N9     1 
ATOM 11  C C8     . G A 1 1 ? -12.723 3.865   -2.917  1.00 0.00 ? 1 G A C8     1 
ATOM 12  N N7     . G A 1 1 ? -12.139 3.679   -1.768  1.00 0.00 ? 1 G A N7     1 
ATOM 13  C C5     . G A 1 1 ? -11.556 4.912   -1.488  1.00 0.00 ? 1 G A C5     1 
ATOM 14  C C6     . G A 1 1 ? -10.773 5.333   -0.364  1.00 0.00 ? 1 G A C6     1 
ATOM 15  O O6     . G A 1 1 ? -10.467 4.695   0.639   1.00 0.00 ? 1 G A O6     1 
ATOM 16  N N1     . G A 1 1 ? -10.337 6.648   -0.477  1.00 0.00 ? 1 G A N1     1 
ATOM 17  C C2     . G A 1 1 ? -10.658 7.479   -1.523  1.00 0.00 ? 1 G A C2     1 
ATOM 18  N N2     . G A 1 1 ? -10.170 8.713   -1.478  1.00 0.00 ? 1 G A N2     1 
ATOM 19  N N3     . G A 1 1 ? -11.415 7.112   -2.566  1.00 0.00 ? 1 G A N3     1 
ATOM 20  C C4     . G A 1 1 ? -11.826 5.812   -2.498  1.00 0.00 ? 1 G A C4     1 
ATOM 21  H "H5'"  . G A 1 1 ? -14.194 2.337   -6.447  1.00 0.00 ? 1 G A "H5'"  1 
ATOM 22  H "H5''" . G A 1 1 ? -13.022 2.545   -7.756  1.00 0.00 ? 1 G A "H5''" 1 
ATOM 23  H "H4'"  . G A 1 1 ? -13.711 4.724   -7.332  1.00 0.00 ? 1 G A "H4'"  1 
ATOM 24  H "H3'"  . G A 1 1 ? -11.212 4.289   -5.662  1.00 0.00 ? 1 G A "H3'"  1 
ATOM 25  H "H2'"  . G A 1 1 ? -11.249 6.592   -5.162  1.00 0.00 ? 1 G A "H2'"  1 
ATOM 26  H "HO2'" . G A 1 1 ? -12.141 7.133   -7.339  1.00 0.00 ? 1 G A "HO2'" 1 
ATOM 27  H "H1'"  . G A 1 1 ? -13.847 6.531   -4.386  1.00 0.00 ? 1 G A "H1'"  1 
ATOM 28  H H8     . G A 1 1 ? -13.271 3.083   -3.423  1.00 0.00 ? 1 G A H8     1 
ATOM 29  H H1     . G A 1 1 ? -9.760  6.997   0.276   1.00 0.00 ? 1 G A H1     1 
ATOM 30  H H21    . G A 1 1 ? -9.572  8.999   -0.707  1.00 0.00 ? 1 G A H21    1 
ATOM 31  H H22    . G A 1 1 ? -10.387 9.340   -2.234  1.00 0.00 ? 1 G A H22    1 
ATOM 32  H "HO5'" . G A 1 1 ? -11.348 2.281   -6.329  1.00 0.00 ? 1 G A "HO5'" 1 
ATOM 33  P P      . G A 1 2 ? -9.804  4.280   -7.889  1.00 0.00 ? 2 G A P      1 
ATOM 34  O OP1    . G A 1 2 ? -9.502  4.403   -9.332  1.00 0.00 ? 2 G A OP1    1 
ATOM 35  O OP2    . G A 1 2 ? -9.865  2.947   -7.244  1.00 0.00 ? 2 G A OP2    1 
ATOM 36  O "O5'"  . G A 1 2 ? -8.821  5.246   -7.054  1.00 0.00 ? 2 G A "O5'"  1 
ATOM 37  C "C5'"  . G A 1 2 ? -8.606  6.579   -7.484  1.00 0.00 ? 2 G A "C5'"  1 
ATOM 38  C "C4'"  . G A 1 2 ? -7.949  7.445   -6.408  1.00 0.00 ? 2 G A "C4'"  1 
ATOM 39  O "O4'"  . G A 1 2 ? -8.689  7.454   -5.194  1.00 0.00 ? 2 G A "O4'"  1 
ATOM 40  C "C3'"  . G A 1 2 ? -6.528  7.024   -6.043  1.00 0.00 ? 2 G A "C3'"  1 
ATOM 41  O "O3'"  . G A 1 2 ? -5.573  7.447   -7.005  1.00 0.00 ? 2 G A "O3'"  1 
ATOM 42  C "C2'"  . G A 1 2 ? -6.384  7.767   -4.716  1.00 0.00 ? 2 G A "C2'"  1 
ATOM 43  O "O2'"  . G A 1 2 ? -6.110  9.142   -4.915  1.00 0.00 ? 2 G A "O2'"  1 
ATOM 44  C "C1'"  . G A 1 2 ? -7.781  7.630   -4.112  1.00 0.00 ? 2 G A "C1'"  1 
ATOM 45  N N9     . G A 1 2 ? -7.820  6.494   -3.162  1.00 0.00 ? 2 G A N9     1 
ATOM 46  C C8     . G A 1 2 ? -8.375  5.247   -3.306  1.00 0.00 ? 2 G A C8     1 
ATOM 47  N N7     . G A 1 2 ? -8.212  4.473   -2.267  1.00 0.00 ? 2 G A N7     1 
ATOM 48  C C5     . G A 1 2 ? -7.496  5.259   -1.361  1.00 0.00 ? 2 G A C5     1 
ATOM 49  C C6     . G A 1 2 ? -7.026  4.983   -0.031  1.00 0.00 ? 2 G A C6     1 
ATOM 50  O O6     . G A 1 2 ? -7.164  3.967   0.647   1.00 0.00 ? 2 G A O6     1 
ATOM 51  N N1     . G A 1 2 ? -6.316  6.045   0.520   1.00 0.00 ? 2 G A N1     1 
ATOM 52  C C2     . G A 1 2 ? -6.118  7.250   -0.110  1.00 0.00 ? 2 G A C2     1 
ATOM 53  N N2     . G A 1 2 ? -5.411  8.166   0.537   1.00 0.00 ? 2 G A N2     1 
ATOM 54  N N3     . G A 1 2 ? -6.575  7.534   -1.336  1.00 0.00 ? 2 G A N3     1 
ATOM 55  C C4     . G A 1 2 ? -7.250  6.497   -1.912  1.00 0.00 ? 2 G A C4     1 
ATOM 56  H "H5'"  . G A 1 2 ? -9.564  7.034   -7.738  1.00 0.00 ? 2 G A "H5'"  1 
ATOM 57  H "H5''" . G A 1 2 ? -7.979  6.574   -8.376  1.00 0.00 ? 2 G A "H5''" 1 
ATOM 58  H "H4'"  . G A 1 2 ? -7.905  8.469   -6.782  1.00 0.00 ? 2 G A "H4'"  1 
ATOM 59  H "H3'"  . G A 1 2 ? -6.495  5.945   -5.883  1.00 0.00 ? 2 G A "H3'"  1 
ATOM 60  H "H2'"  . G A 1 2 ? -5.617  7.316   -4.088  1.00 0.00 ? 2 G A "H2'"  1 
ATOM 61  H "HO2'" . G A 1 2 ? -5.396  9.194   -5.558  1.00 0.00 ? 2 G A "HO2'" 1 
ATOM 62  H "H1'"  . G A 1 2 ? -8.023  8.543   -3.566  1.00 0.00 ? 2 G A "H1'"  1 
ATOM 63  H H8     . G A 1 2 ? -8.909  4.940   -4.196  1.00 0.00 ? 2 G A H8     1 
ATOM 64  H H1     . G A 1 2 ? -5.938  5.910   1.448   1.00 0.00 ? 2 G A H1     1 
ATOM 65  H H21    . G A 1 2 ? -5.008  7.968   1.451   1.00 0.00 ? 2 G A H21    1 
ATOM 66  H H22    . G A 1 2 ? -5.270  9.055   0.089   1.00 0.00 ? 2 G A H22    1 
ATOM 67  P P      . C A 1 3 ? -4.118  6.757   -7.124  1.00 0.00 ? 3 C A P      1 
ATOM 68  O OP1    . C A 1 3 ? -3.418  7.377   -8.269  1.00 0.00 ? 3 C A OP1    1 
ATOM 69  O OP2    . C A 1 3 ? -4.301  5.291   -7.073  1.00 0.00 ? 3 C A OP2    1 
ATOM 70  O "O5'"  . C A 1 3 ? -3.373  7.209   -5.767  1.00 0.00 ? 3 C A "O5'"  1 
ATOM 71  C "C5'"  . C A 1 3 ? -2.826  8.505   -5.609  1.00 0.00 ? 3 C A "C5'"  1 
ATOM 72  C "C4'"  . C A 1 3 ? -2.361  8.722   -4.165  1.00 0.00 ? 3 C A "C4'"  1 
ATOM 73  O "O4'"  . C A 1 3 ? -3.376  8.380   -3.224  1.00 0.00 ? 3 C A "O4'"  1 
ATOM 74  C "C3'"  . C A 1 3 ? -1.127  7.905   -3.785  1.00 0.00 ? 3 C A "C3'"  1 
ATOM 75  O "O3'"  . C A 1 3 ? 0.092   8.521   -4.175  1.00 0.00 ? 3 C A "O3'"  1 
ATOM 76  C "C2'"  . C A 1 3 ? -1.266  7.913   -2.267  1.00 0.00 ? 3 C A "C2'"  1 
ATOM 77  O "O2'"  . C A 1 3 ? -0.801  9.133   -1.716  1.00 0.00 ? 3 C A "O2'"  1 
ATOM 78  C "C1'"  . C A 1 3 ? -2.774  7.832   -2.056  1.00 0.00 ? 3 C A "C1'"  1 
ATOM 79  N N1     . C A 1 3 ? -3.186  6.427   -1.762  1.00 0.00 ? 3 C A N1     1 
ATOM 80  C C2     . C A 1 3 ? -2.965  5.943   -0.465  1.00 0.00 ? 3 C A C2     1 
ATOM 81  O O2     . C A 1 3 ? -2.392  6.622   0.386   1.00 0.00 ? 3 C A O2     1 
ATOM 82  N N3     . C A 1 3 ? -3.397  4.699   -0.134  1.00 0.00 ? 3 C A N3     1 
ATOM 83  C C4     . C A 1 3 ? -4.018  3.936   -1.033  1.00 0.00 ? 3 C A C4     1 
ATOM 84  N N4     . C A 1 3 ? -4.449  2.752   -0.628  1.00 0.00 ? 3 C A N4     1 
ATOM 85  C C5     . C A 1 3 ? -4.225  4.377   -2.381  1.00 0.00 ? 3 C A C5     1 
ATOM 86  C C6     . C A 1 3 ? -3.785  5.619   -2.703  1.00 0.00 ? 3 C A C6     1 
ATOM 87  H "H5'"  . C A 1 3 ? -3.581  9.250   -5.851  1.00 0.00 ? 3 C A "H5'"  1 
ATOM 88  H "H5''" . C A 1 3 ? -1.980  8.631   -6.286  1.00 0.00 ? 3 C A "H5''" 1 
ATOM 89  H "H4'"  . C A 1 3 ? -2.117  9.776   -4.035  1.00 0.00 ? 3 C A "H4'"  1 
ATOM 90  H "H3'"  . C A 1 3 ? -1.215  6.889   -4.174  1.00 0.00 ? 3 C A "H3'"  1 
ATOM 91  H "H2'"  . C A 1 3 ? -0.744  7.069   -1.822  1.00 0.00 ? 3 C A "H2'"  1 
ATOM 92  H "HO2'" . C A 1 3 ? -0.016  9.380   -2.217  1.00 0.00 ? 3 C A "HO2'" 1 
ATOM 93  H "H1'"  . C A 1 3 ? -3.036  8.452   -1.197  1.00 0.00 ? 3 C A "H1'"  1 
ATOM 94  H H41    . C A 1 3 ? -4.286  2.496   0.341   1.00 0.00 ? 3 C A H41    1 
ATOM 95  H H42    . C A 1 3 ? -4.943  2.139   -1.255  1.00 0.00 ? 3 C A H42    1 
ATOM 96  H H5     . C A 1 3 ? -4.705  3.767   -3.132  1.00 0.00 ? 3 C A H5     1 
ATOM 97  H H6     . C A 1 3 ? -3.916  5.973   -3.714  1.00 0.00 ? 3 C A H6     1 
ATOM 98  P P      . A A 1 4 ? 1.451   7.669   -4.364  1.00 0.00 ? 4 A A P      1 
ATOM 99  O OP1    . A A 1 4 ? 2.562   8.632   -4.534  1.00 0.00 ? 4 A A OP1    1 
ATOM 100 O OP2    . A A 1 4 ? 1.198   6.647   -5.400  1.00 0.00 ? 4 A A OP2    1 
ATOM 101 O "O5'"  . A A 1 4 ? 1.650   6.903   -2.955  1.00 0.00 ? 4 A A "O5'"  1 
ATOM 102 C "C5'"  . A A 1 4 ? 2.239   7.524   -1.828  1.00 0.00 ? 4 A A "C5'"  1 
ATOM 103 C "C4'"  . A A 1 4 ? 2.213   6.595   -0.606  1.00 0.00 ? 4 A A "C4'"  1 
ATOM 104 O "O4'"  . A A 1 4 ? 0.897   6.199   -0.239  1.00 0.00 ? 4 A A "O4'"  1 
ATOM 105 C "C3'"  . A A 1 4 ? 3.018   5.311   -0.794  1.00 0.00 ? 4 A A "C3'"  1 
ATOM 106 O "O3'"  . A A 1 4 ? 4.407   5.549   -0.622  1.00 0.00 ? 4 A A "O3'"  1 
ATOM 107 C "C2'"  . A A 1 4 ? 2.383   4.423   0.279   1.00 0.00 ? 4 A A "C2'"  1 
ATOM 108 O "O2'"  . A A 1 4 ? 2.872   4.724   1.575   1.00 0.00 ? 4 A A "O2'"  1 
ATOM 109 C "C1'"  . A A 1 4 ? 0.912   4.845   0.197   1.00 0.00 ? 4 A A "C1'"  1 
ATOM 110 N N9     . A A 1 4 ? 0.142   3.981   -0.735  1.00 0.00 ? 4 A A N9     1 
ATOM 111 C C8     . A A 1 4 ? -0.106  4.155   -2.077  1.00 0.00 ? 4 A A C8     1 
ATOM 112 N N7     . A A 1 4 ? -0.838  3.220   -2.617  1.00 0.00 ? 4 A A N7     1 
ATOM 113 C C5     . A A 1 4 ? -1.082  2.346   -1.559  1.00 0.00 ? 4 A A C5     1 
ATOM 114 C C6     . A A 1 4 ? -1.808  1.138   -1.442  1.00 0.00 ? 4 A A C6     1 
ATOM 115 N N6     . A A 1 4 ? -2.479  0.574   -2.445  1.00 0.00 ? 4 A A N6     1 
ATOM 116 N N1     . A A 1 4 ? -1.862  0.510   -0.256  1.00 0.00 ? 4 A A N1     1 
ATOM 117 C C2     . A A 1 4 ? -1.228  1.057   0.777   1.00 0.00 ? 4 A A C2     1 
ATOM 118 N N3     . A A 1 4 ? -0.518  2.188   0.811   1.00 0.00 ? 4 A A N3     1 
ATOM 119 C C4     . A A 1 4 ? -0.483  2.797   -0.409  1.00 0.00 ? 4 A A C4     1 
ATOM 120 H "H5'"  . A A 1 4 ? 1.701   8.439   -1.586  1.00 0.00 ? 4 A A "H5'"  1 
ATOM 121 H "H5''" . A A 1 4 ? 3.274   7.780   -2.058  1.00 0.00 ? 4 A A "H5''" 1 
ATOM 122 H "H4'"  . A A 1 4 ? 2.644   7.133   0.240   1.00 0.00 ? 4 A A "H4'"  1 
ATOM 123 H "H3'"  . A A 1 4 ? 2.822   4.888   -1.781  1.00 0.00 ? 4 A A "H3'"  1 
ATOM 124 H "H2'"  . A A 1 4 ? 2.519   3.363   0.053   1.00 0.00 ? 4 A A "H2'"  1 
ATOM 125 H "HO2'" . A A 1 4 ? 3.832   4.614   1.565   1.00 0.00 ? 4 A A "HO2'" 1 
ATOM 126 H "H1'"  . A A 1 4 ? 0.458   4.774   1.186   1.00 0.00 ? 4 A A "H1'"  1 
ATOM 127 H H8     . A A 1 4 ? 0.259   4.995   -2.643  1.00 0.00 ? 4 A A H8     1 
ATOM 128 H H61    . A A 1 4 ? -2.960  -0.292  -2.265  1.00 0.00 ? 4 A A H61    1 
ATOM 129 H H62    . A A 1 4 ? -2.476  1.014   -3.352  1.00 0.00 ? 4 A A H62    1 
ATOM 130 H H2     . A A 1 4 ? -1.309  0.515   1.705   1.00 0.00 ? 4 A A H2     1 
ATOM 131 P P      . A A 1 5 ? 5.506   4.371   -0.707  1.00 0.00 ? 5 A A P      1 
ATOM 132 O OP1    . A A 1 5 ? 6.759   4.947   -1.241  1.00 0.00 ? 5 A A OP1    1 
ATOM 133 O OP2    . A A 1 5 ? 4.890   3.193   -1.354  1.00 0.00 ? 5 A A OP2    1 
ATOM 134 O "O5'"  . A A 1 5 ? 5.718   4.036   0.857   1.00 0.00 ? 5 A A "O5'"  1 
ATOM 135 C "C5'"  . A A 1 5 ? 6.392   4.944   1.710   1.00 0.00 ? 5 A A "C5'"  1 
ATOM 136 C "C4'"  . A A 1 5 ? 6.385   4.452   3.159   1.00 0.00 ? 5 A A "C4'"  1 
ATOM 137 O "O4'"  . A A 1 5 ? 5.065   4.124   3.579   1.00 0.00 ? 5 A A "O4'"  1 
ATOM 138 C "C3'"  . A A 1 5 ? 7.255   3.218   3.407   1.00 0.00 ? 5 A A "C3'"  1 
ATOM 139 O "O3'"  . A A 1 5 ? 8.614   3.526   3.681   1.00 0.00 ? 5 A A "O3'"  1 
ATOM 140 C "C2'"  . A A 1 5 ? 6.586   2.677   4.666   1.00 0.00 ? 5 A A "C2'"  1 
ATOM 141 O "O2'"  . A A 1 5 ? 7.030   3.366   5.822   1.00 0.00 ? 5 A A "O2'"  1 
ATOM 142 C "C1'"  . A A 1 5 ? 5.114   2.987   4.431   1.00 0.00 ? 5 A A "C1'"  1 
ATOM 143 N N9     . A A 1 5 ? 4.427   1.812   3.844   1.00 0.00 ? 5 A A N9     1 
ATOM 144 C C8     . A A 1 5 ? 3.959   1.609   2.568   1.00 0.00 ? 5 A A C8     1 
ATOM 145 N N7     . A A 1 5 ? 3.293   0.497   2.416   1.00 0.00 ? 5 A A N7     1 
ATOM 146 C C5     . A A 1 5 ? 3.353   -0.102  3.672   1.00 0.00 ? 5 A A C5     1 
ATOM 147 C C6     . A A 1 5 ? 2.830   -1.300  4.215   1.00 0.00 ? 5 A A C6     1 
ATOM 148 N N6     . A A 1 5 ? 2.059   -2.144  3.538   1.00 0.00 ? 5 A A N6     1 
ATOM 149 N N1     . A A 1 5 ? 3.080   -1.606  5.501   1.00 0.00 ? 5 A A N1     1 
ATOM 150 C C2     . A A 1 5 ? 3.806   -0.758  6.224   1.00 0.00 ? 5 A A C2     1 
ATOM 151 N N3     . A A 1 5 ? 4.336   0.404   5.849   1.00 0.00 ? 5 A A N3     1 
ATOM 152 C C4     . A A 1 5 ? 4.069   0.681   4.541   1.00 0.00 ? 5 A A C4     1 
ATOM 153 H "H5'"  . A A 1 5 ? 5.890   5.911   1.667   1.00 0.00 ? 5 A A "H5'"  1 
ATOM 154 H "H5''" . A A 1 5 ? 7.424   5.067   1.376   1.00 0.00 ? 5 A A "H5''" 1 
ATOM 155 H "H4'"  . A A 1 5 ? 6.756   5.254   3.799   1.00 0.00 ? 5 A A "H4'"  1 
ATOM 156 H "H3'"  . A A 1 5 ? 7.150   2.514   2.579   1.00 0.00 ? 5 A A "H3'"  1 
ATOM 157 H "H2'"  . A A 1 5 ? 6.760   1.612   4.773   1.00 0.00 ? 5 A A "H2'"  1 
ATOM 158 H "HO2'" . A A 1 5 ? 7.968   3.544   5.693   1.00 0.00 ? 5 A A "HO2'" 1 
ATOM 159 H "H1'"  . A A 1 5 ? 4.639   3.220   5.384   1.00 0.00 ? 5 A A "H1'"  1 
ATOM 160 H H8     . A A 1 5 ? 4.104   2.313   1.763   1.00 0.00 ? 5 A A H8     1 
ATOM 161 H H61    . A A 1 5 ? 1.641   -2.924  4.026   1.00 0.00 ? 5 A A H61    1 
ATOM 162 H H62    . A A 1 5 ? 1.815   -1.935  2.576   1.00 0.00 ? 5 A A H62    1 
ATOM 163 H H2     . A A 1 5 ? 3.979   -1.044  7.251   1.00 0.00 ? 5 A A H2     1 
ATOM 164 P P      . G A 1 6 ? 9.806   2.474   3.389   1.00 0.00 ? 6 G A P      1 
ATOM 165 O OP1    . G A 1 6 ? 10.977  2.901   4.185   1.00 0.00 ? 6 G A OP1    1 
ATOM 166 O OP2    . G A 1 6 ? 9.924   2.335   1.923   1.00 0.00 ? 6 G A OP2    1 
ATOM 167 O "O5'"  . G A 1 6 ? 9.280   1.060   3.972   1.00 0.00 ? 6 G A "O5'"  1 
ATOM 168 C "C5'"  . G A 1 6 ? 9.420   0.689   5.331   1.00 0.00 ? 6 G A "C5'"  1 
ATOM 169 C "C4'"  . G A 1 6 ? 8.729   -0.657  5.603   1.00 0.00 ? 6 G A "C4'"  1 
ATOM 170 O "O4'"  . G A 1 6 ? 7.342   -0.614  5.291   1.00 0.00 ? 6 G A "O4'"  1 
ATOM 171 C "C3'"  . G A 1 6 ? 9.321   -1.833  4.822   1.00 0.00 ? 6 G A "C3'"  1 
ATOM 172 O "O3'"  . G A 1 6 ? 10.436  -2.406  5.489   1.00 0.00 ? 6 G A "O3'"  1 
ATOM 173 C "C2'"  . G A 1 6 ? 8.124   -2.783  4.793   1.00 0.00 ? 6 G A "C2'"  1 
ATOM 174 O "O2'"  . G A 1 6 ? 8.004   -3.491  6.014   1.00 0.00 ? 6 G A "O2'"  1 
ATOM 175 C "C1'"  . G A 1 6 ? 6.941   -1.830  4.677   1.00 0.00 ? 6 G A "C1'"  1 
ATOM 176 N N9     . G A 1 6 ? 6.541   -1.626  3.263   1.00 0.00 ? 6 G A N9     1 
ATOM 177 C C8     . G A 1 6 ? 6.899   -0.637  2.380   1.00 0.00 ? 6 G A C8     1 
ATOM 178 N N7     . G A 1 6 ? 6.348   -0.740  1.203   1.00 0.00 ? 6 G A N7     1 
ATOM 179 C C5     . G A 1 6 ? 5.564   -1.887  1.300   1.00 0.00 ? 6 G A C5     1 
ATOM 180 C C6     . G A 1 6 ? 4.714   -2.522  0.334   1.00 0.00 ? 6 G A C6     1 
ATOM 181 O O6     . G A 1 6 ? 4.469   -2.183  -0.822  1.00 0.00 ? 6 G A O6     1 
ATOM 182 N N1     . G A 1 6 ? 4.127   -3.685  0.820   1.00 0.00 ? 6 G A N1     1 
ATOM 183 C C2     . G A 1 6 ? 4.327   -4.178  2.087   1.00 0.00 ? 6 G A C2     1 
ATOM 184 N N2     . G A 1 6 ? 3.726   -5.322  2.388   1.00 0.00 ? 6 G A N2     1 
ATOM 185 N N3     . G A 1 6 ? 5.108   -3.592  3.005   1.00 0.00 ? 6 G A N3     1 
ATOM 186 C C4     . G A 1 6 ? 5.698   -2.448  2.552   1.00 0.00 ? 6 G A C4     1 
ATOM 187 H "H5'"  . G A 1 6 ? 8.971   1.451   5.967   1.00 0.00 ? 6 G A "H5'"  1 
ATOM 188 H "H5''" . G A 1 6 ? 10.479  0.604   5.577   1.00 0.00 ? 6 G A "H5''" 1 
ATOM 189 H "H4'"  . G A 1 6 ? 8.823   -0.883  6.665   1.00 0.00 ? 6 G A "H4'"  1 
ATOM 190 H "H3'"  . G A 1 6 ? 9.573   -1.514  3.809   1.00 0.00 ? 6 G A "H3'"  1 
ATOM 191 H "H2'"  . G A 1 6 ? 8.178   -3.476  3.954   1.00 0.00 ? 6 G A "H2'"  1 
ATOM 192 H "HO2'" . G A 1 6 ? 8.894   -3.748  6.272   1.00 0.00 ? 6 G A "HO2'" 1 
ATOM 193 H "H1'"  . G A 1 6 ? 6.089   -2.251  5.213   1.00 0.00 ? 6 G A "H1'"  1 
ATOM 194 H H8     . G A 1 6 ? 7.571   0.167   2.629   1.00 0.00 ? 6 G A H8     1 
ATOM 195 H H1     . G A 1 6 ? 3.547   -4.197  0.171   1.00 0.00 ? 6 G A H1     1 
ATOM 196 H H21    . G A 1 6 ? 3.214   -5.830  1.671   1.00 0.00 ? 6 G A H21    1 
ATOM 197 H H22    . G A 1 6 ? 3.864   -5.706  3.307   1.00 0.00 ? 6 G A H22    1 
ATOM 198 P P      . C A 1 7 ? 11.519  -3.315  4.712   1.00 0.00 ? 7 C A P      1 
ATOM 199 O OP1    . C A 1 7 ? 12.530  -3.754  5.699   1.00 0.00 ? 7 C A OP1    1 
ATOM 200 O OP2    . C A 1 7 ? 11.940  -2.588  3.497   1.00 0.00 ? 7 C A OP2    1 
ATOM 201 O "O5'"  . C A 1 7 ? 10.668  -4.602  4.248   1.00 0.00 ? 7 C A "O5'"  1 
ATOM 202 C "C5'"  . C A 1 7 ? 10.396  -5.685  5.116   1.00 0.00 ? 7 C A "C5'"  1 
ATOM 203 C "C4'"  . C A 1 7 ? 9.481   -6.715  4.443   1.00 0.00 ? 7 C A "C4'"  1 
ATOM 204 O "O4'"  . C A 1 7 ? 8.227   -6.171  4.039   1.00 0.00 ? 7 C A "O4'"  1 
ATOM 205 C "C3'"  . C A 1 7 ? 10.087  -7.348  3.190   1.00 0.00 ? 7 C A "C3'"  1 
ATOM 206 O "O3'"  . C A 1 7 ? 11.042  -8.350  3.512   1.00 0.00 ? 7 C A "O3'"  1 
ATOM 207 C "C2'"  . C A 1 7 ? 8.821   -7.924  2.559   1.00 0.00 ? 7 C A "C2'"  1 
ATOM 208 O "O2'"  . C A 1 7 ? 8.412   -9.119  3.198   1.00 0.00 ? 7 C A "O2'"  1 
ATOM 209 C "C1'"  . C A 1 7 ? 7.795   -6.828  2.848   1.00 0.00 ? 7 C A "C1'"  1 
ATOM 210 N N1     . C A 1 7 ? 7.696   -5.892  1.689   1.00 0.00 ? 7 C A N1     1 
ATOM 211 C C2     . C A 1 7 ? 6.787   -6.183  0.663   1.00 0.00 ? 7 C A C2     1 
ATOM 212 O O2     . C A 1 7 ? 6.070   -7.182  0.710   1.00 0.00 ? 7 C A O2     1 
ATOM 213 N N3     . C A 1 7 ? 6.708   -5.354  -0.415  1.00 0.00 ? 7 C A N3     1 
ATOM 214 C C4     . C A 1 7 ? 7.504   -4.286  -0.507  1.00 0.00 ? 7 C A C4     1 
ATOM 215 N N4     . C A 1 7 ? 7.364   -3.492  -1.560  1.00 0.00 ? 7 C A N4     1 
ATOM 216 C C5     . C A 1 7 ? 8.491   -3.999  0.491   1.00 0.00 ? 7 C A C5     1 
ATOM 217 C C6     . C A 1 7 ? 8.549   -4.822  1.562   1.00 0.00 ? 7 C A C6     1 
ATOM 218 H "H5'"  . C A 1 7 ? 9.915   -5.321  6.023   1.00 0.00 ? 7 C A "H5'"  1 
ATOM 219 H "H5''" . C A 1 7 ? 11.335  -6.169  5.390   1.00 0.00 ? 7 C A "H5''" 1 
ATOM 220 H "H4'"  . C A 1 7 ? 9.284   -7.513  5.159   1.00 0.00 ? 7 C A "H4'"  1 
ATOM 221 H "H3'"  . C A 1 7 ? 10.503  -6.566  2.544   1.00 0.00 ? 7 C A "H3'"  1 
ATOM 222 H "H2'"  . C A 1 7 ? 8.944   -8.093  1.492   1.00 0.00 ? 7 C A "H2'"  1 
ATOM 223 H "HO2'" . C A 1 7 ? 9.189   -9.680  3.268   1.00 0.00 ? 7 C A "HO2'" 1 
ATOM 224 H "H1'"  . C A 1 7 ? 6.821   -7.289  3.023   1.00 0.00 ? 7 C A "H1'"  1 
ATOM 225 H H41    . C A 1 7 ? 6.670   -3.728  -2.261  1.00 0.00 ? 7 C A H41    1 
ATOM 226 H H42    . C A 1 7 ? 7.897   -2.642  -1.626  1.00 0.00 ? 7 C A H42    1 
ATOM 227 H H5     . C A 1 7 ? 9.190   -3.182  0.443   1.00 0.00 ? 7 C A H5     1 
ATOM 228 H H6     . C A 1 7 ? 9.286   -4.623  2.320   1.00 0.00 ? 7 C A H6     1 
ATOM 229 P P      . C A 1 8 ? 12.160  -8.845  2.457   1.00 0.00 ? 8 C A P      1 
ATOM 230 O OP1    . C A 1 8 ? 13.060  -9.786  3.159   1.00 0.00 ? 8 C A OP1    1 
ATOM 231 O OP2    . C A 1 8 ? 12.716  -7.655  1.780   1.00 0.00 ? 8 C A OP2    1 
ATOM 232 O "O5'"  . C A 1 8 ? 11.311  -9.673  1.370   1.00 0.00 ? 8 C A "O5'"  1 
ATOM 233 C "C5'"  . C A 1 8 ? 10.850  -10.988 1.607   1.00 0.00 ? 8 C A "C5'"  1 
ATOM 234 C "C4'"  . C A 1 8 ? 9.923   -11.431 0.469   1.00 0.00 ? 8 C A "C4'"  1 
ATOM 235 O "O4'"  . C A 1 8 ? 8.860   -10.505 0.269   1.00 0.00 ? 8 C A "O4'"  1 
ATOM 236 C "C3'"  . C A 1 8 ? 10.630  -11.575 -0.880  1.00 0.00 ? 8 C A "C3'"  1 
ATOM 237 O "O3'"  . C A 1 8 ? 11.276  -12.828 -1.045  1.00 0.00 ? 8 C A "O3'"  1 
ATOM 238 C "C2'"  . C A 1 8 ? 9.437   -11.454 -1.822  1.00 0.00 ? 8 C A "C2'"  1 
ATOM 239 O "O2'"  . C A 1 8 ? 8.729   -12.678 -1.906  1.00 0.00 ? 8 C A "O2'"  1 
ATOM 240 C "C1'"  . C A 1 8 ? 8.553   -10.426 -1.120  1.00 0.00 ? 8 C A "C1'"  1 
ATOM 241 N N1     . C A 1 8 ? 8.762   -9.066  -1.700  1.00 0.00 ? 8 C A N1     1 
ATOM 242 C C2     . C A 1 8 ? 8.108   -8.760  -2.900  1.00 0.00 ? 8 C A C2     1 
ATOM 243 O O2     . C A 1 8 ? 7.424   -9.594  -3.491  1.00 0.00 ? 8 C A O2     1 
ATOM 244 N N3     . C A 1 8 ? 8.246   -7.519  -3.436  1.00 0.00 ? 8 C A N3     1 
ATOM 245 C C4     . C A 1 8 ? 9.004   -6.601  -2.838  1.00 0.00 ? 8 C A C4     1 
ATOM 246 N N4     . C A 1 8 ? 9.105   -5.417  -3.420  1.00 0.00 ? 8 C A N4     1 
ATOM 247 C C5     . C A 1 8 ? 9.737   -6.893  -1.643  1.00 0.00 ? 8 C A C5     1 
ATOM 248 C C6     . C A 1 8 ? 9.596   -8.135  -1.121  1.00 0.00 ? 8 C A C6     1 
ATOM 249 H "H5'"  . C A 1 8 ? 10.298  -11.018 2.546   1.00 0.00 ? 8 C A "H5'"  1 
ATOM 250 H "H5''" . C A 1 8 ? 11.699  -11.669 1.673   1.00 0.00 ? 8 C A "H5''" 1 
ATOM 251 H "H4'"  . C A 1 8 ? 9.490   -12.398 0.728   1.00 0.00 ? 8 C A "H4'"  1 
ATOM 252 H "H3'"  . C A 1 8 ? 11.319  -10.741 -1.030  1.00 0.00 ? 8 C A "H3'"  1 
ATOM 253 H "H2'"  . C A 1 8 ? 9.744   -11.125 -2.813  1.00 0.00 ? 8 C A "H2'"  1 
ATOM 254 H "HO2'" . C A 1 8 ? 9.385   -13.381 -1.858  1.00 0.00 ? 8 C A "HO2'" 1 
ATOM 255 H "H1'"  . C A 1 8 ? 7.509   -10.708 -1.268  1.00 0.00 ? 8 C A "H1'"  1 
ATOM 256 H H41    . C A 1 8 ? 8.592   -5.266  -4.283  1.00 0.00 ? 8 C A H41    1 
ATOM 257 H H42    . C A 1 8 ? 9.689   -4.700  -3.025  1.00 0.00 ? 8 C A H42    1 
ATOM 258 H H5     . C A 1 8 ? 10.391  -6.180  -1.164  1.00 0.00 ? 8 C A H5     1 
ATOM 259 H H6     . C A 1 8 ? 10.153  -8.386  -0.234  1.00 0.00 ? 8 C A H6     1 
ATOM 260 P P      . U A 1 9 ? 12.503  -13.019 -2.077  1.00 0.00 ? 9 U A P      1 
ATOM 261 O OP1    . U A 1 9 ? 12.820  -14.462 -2.144  1.00 0.00 ? 9 U A OP1    1 
ATOM 262 O OP2    . U A 1 9 ? 13.558  -12.051 -1.712  1.00 0.00 ? 9 U A OP2    1 
ATOM 263 O "O5'"  . U A 1 9 ? 11.902  -12.565 -3.503  1.00 0.00 ? 9 U A "O5'"  1 
ATOM 264 C "C5'"  . U A 1 9 ? 11.114  -13.424 -4.306  1.00 0.00 ? 9 U A "C5'"  1 
ATOM 265 C "C4'"  . U A 1 9 ? 10.674  -12.698 -5.584  1.00 0.00 ? 9 U A "C4'"  1 
ATOM 266 O "O4'"  . U A 1 9 ? 9.926   -11.525 -5.291  1.00 0.00 ? 9 U A "O4'"  1 
ATOM 267 C "C3'"  . U A 1 9 ? 11.845  -12.238 -6.452  1.00 0.00 ? 9 U A "C3'"  1 
ATOM 268 O "O3'"  . U A 1 9 ? 12.361  -13.256 -7.287  1.00 0.00 ? 9 U A "O3'"  1 
ATOM 269 C "C2'"  . U A 1 9 ? 11.184  -11.141 -7.281  1.00 0.00 ? 9 U A "C2'"  1 
ATOM 270 O "O2'"  . U A 1 9 ? 10.470  -11.669 -8.391  1.00 0.00 ? 9 U A "O2'"  1 
ATOM 271 C "C1'"  . U A 1 9 ? 10.190  -10.539 -6.281  1.00 0.00 ? 9 U A "C1'"  1 
ATOM 272 N N1     . U A 1 9 ? 10.730  -9.274  -5.702  1.00 0.00 ? 9 U A N1     1 
ATOM 273 C C2     . U A 1 9 ? 10.608  -8.113  -6.473  1.00 0.00 ? 9 U A C2     1 
ATOM 274 O O2     . U A 1 9 ? 10.111  -8.106  -7.598  1.00 0.00 ? 9 U A O2     1 
ATOM 275 N N3     . U A 1 9 ? 11.105  -6.941  -5.923  1.00 0.00 ? 9 U A N3     1 
ATOM 276 C C4     . U A 1 9 ? 11.784  -6.839  -4.719  1.00 0.00 ? 9 U A C4     1 
ATOM 277 O O4     . U A 1 9 ? 12.215  -5.754  -4.346  1.00 0.00 ? 9 U A O4     1 
ATOM 278 C C5     . U A 1 9 ? 11.918  -8.094  -4.004  1.00 0.00 ? 9 U A C5     1 
ATOM 279 C C6     . U A 1 9 ? 11.401  -9.249  -4.497  1.00 0.00 ? 9 U A C6     1 
ATOM 280 H "H5'"  . U A 1 9 ? 10.232  -13.744 -3.754  1.00 0.00 ? 9 U A "H5'"  1 
ATOM 281 H "H5''" . U A 1 9 ? 11.698  -14.304 -4.579  1.00 0.00 ? 9 U A "H5''" 1 
ATOM 282 H "H4'"  . U A 1 9 ? 10.046  -13.367 -6.173  1.00 0.00 ? 9 U A "H4'"  1 
ATOM 283 H "H3'"  . U A 1 9 ? 12.633  -11.809 -5.832  1.00 0.00 ? 9 U A "H3'"  1 
ATOM 284 H "HO3'" . U A 1 9 ? 11.789  -13.280 -8.062  1.00 0.00 ? 9 U A "HO3'" 1 
ATOM 285 H "H2'"  . U A 1 9 ? 11.922  -10.412 -7.621  1.00 0.00 ? 9 U A "H2'"  1 
ATOM 286 H "HO2'" . U A 1 9 ? 10.069  -10.939 -8.875  1.00 0.00 ? 9 U A "HO2'" 1 
ATOM 287 H "H1'"  . U A 1 9 ? 9.258   -10.308 -6.799  1.00 0.00 ? 9 U A "H1'"  1 
ATOM 288 H H3     . U A 1 9 ? 10.965  -6.088  -6.442  1.00 0.00 ? 9 U A H3     1 
ATOM 289 H H5     . U A 1 9 ? 12.439  -8.097  -3.058  1.00 0.00 ? 9 U A H5     1 
ATOM 290 H H6     . U A 1 9 ? 11.529  -10.158 -3.929  1.00 0.00 ? 9 U A H6     1 
ATOM 291 O "O5'"  . G B 1 1 ? 4.137   -4.708  -12.125 1.00 0.00 ? 1 G B "O5'"  1 
ATOM 292 C "C5'"  . G B 1 1 ? 4.338   -5.616  -13.195 1.00 0.00 ? 1 G B "C5'"  1 
ATOM 293 C "C4'"  . G B 1 1 ? 4.644   -7.050  -12.728 1.00 0.00 ? 1 G B "C4'"  1 
ATOM 294 O "O4'"  . G B 1 1 ? 6.017   -7.274  -12.429 1.00 0.00 ? 1 G B "O4'"  1 
ATOM 295 C "C3'"  . G B 1 1 ? 3.869   -7.482  -11.485 1.00 0.00 ? 1 G B "C3'"  1 
ATOM 296 O "O3'"  . G B 1 1 ? 2.548   -7.866  -11.796 1.00 0.00 ? 1 G B "O3'"  1 
ATOM 297 C "C2'"  . G B 1 1 ? 4.727   -8.618  -10.962 1.00 0.00 ? 1 G B "C2'"  1 
ATOM 298 O "O2'"  . G B 1 1 ? 4.544   -9.807  -11.710 1.00 0.00 ? 1 G B "O2'"  1 
ATOM 299 C "C1'"  . G B 1 1 ? 6.119   -8.030  -11.223 1.00 0.00 ? 1 G B "C1'"  1 
ATOM 300 N N9     . G B 1 1 ? 6.563   -7.123  -10.132 1.00 0.00 ? 1 G B N9     1 
ATOM 301 C C8     . G B 1 1 ? 6.895   -5.792  -10.215 1.00 0.00 ? 1 G B C8     1 
ATOM 302 N N7     . G B 1 1 ? 7.320   -5.272  -9.100  1.00 0.00 ? 1 G B N7     1 
ATOM 303 C C5     . G B 1 1 ? 7.248   -6.326  -8.193  1.00 0.00 ? 1 G B C5     1 
ATOM 304 C C6     . G B 1 1 ? 7.578   -6.375  -6.800  1.00 0.00 ? 1 G B C6     1 
ATOM 305 O O6     . G B 1 1 ? 8.041   -5.485  -6.090  1.00 0.00 ? 1 G B O6     1 
ATOM 306 N N1     . G B 1 1 ? 7.331   -7.619  -6.231  1.00 0.00 ? 1 G B N1     1 
ATOM 307 C C2     . G B 1 1 ? 6.863   -8.706  -6.931  1.00 0.00 ? 1 G B C2     1 
ATOM 308 N N2     . G B 1 1 ? 6.683   -9.827  -6.246  1.00 0.00 ? 1 G B N2     1 
ATOM 309 N N3     . G B 1 1 ? 6.584   -8.689  -8.241  1.00 0.00 ? 1 G B N3     1 
ATOM 310 C C4     . G B 1 1 ? 6.784   -7.466  -8.816  1.00 0.00 ? 1 G B C4     1 
ATOM 311 H "H5'"  . G B 1 1 ? 5.155   -5.262  -13.825 1.00 0.00 ? 1 G B "H5'"  1 
ATOM 312 H "H5''" . G B 1 1 ? 3.426   -5.636  -13.792 1.00 0.00 ? 1 G B "H5''" 1 
ATOM 313 H "H4'"  . G B 1 1 ? 4.383   -7.730  -13.541 1.00 0.00 ? 1 G B "H4'"  1 
ATOM 314 H "H3'"  . G B 1 1 ? 3.889   -6.698  -10.728 1.00 0.00 ? 1 G B "H3'"  1 
ATOM 315 H "H2'"  . G B 1 1 ? 4.536   -8.800  -9.904  1.00 0.00 ? 1 G B "H2'"  1 
ATOM 316 H "HO2'" . G B 1 1 ? 3.596   -9.925  -11.827 1.00 0.00 ? 1 G B "HO2'" 1 
ATOM 317 H "H1'"  . G B 1 1 ? 6.841   -8.837  -11.327 1.00 0.00 ? 1 G B "H1'"  1 
ATOM 318 H H8     . G B 1 1 ? 6.821   -5.222  -11.131 1.00 0.00 ? 1 G B H8     1 
ATOM 319 H H1     . G B 1 1 ? 7.523   -7.708  -5.243  1.00 0.00 ? 1 G B H1     1 
ATOM 320 H H21    . G B 1 1 ? 6.866   -9.848  -5.245  1.00 0.00 ? 1 G B H21    1 
ATOM 321 H H22    . G B 1 1 ? 6.328   -10.634 -6.730  1.00 0.00 ? 1 G B H22    1 
ATOM 322 H "HO5'" . G B 1 1 ? 3.286   -4.919  -11.701 1.00 0.00 ? 1 G B "HO5'" 1 
ATOM 323 P P      . G B 1 2 ? 1.313   -7.066  -11.155 1.00 0.00 ? 2 G B P      1 
ATOM 324 O OP1    . G B 1 2 ? 0.076   -7.490  -11.846 1.00 0.00 ? 2 G B OP1    1 
ATOM 325 O OP2    . G B 1 2 ? 1.688   -5.632  -11.094 1.00 0.00 ? 2 G B OP2    1 
ATOM 326 O "O5'"  . G B 1 2 ? 1.338   -7.698  -9.672  1.00 0.00 ? 2 G B "O5'"  1 
ATOM 327 C "C5'"  . G B 1 2 ? 1.017   -9.065  -9.480  1.00 0.00 ? 2 G B "C5'"  1 
ATOM 328 C "C4'"  . G B 1 2 ? 1.451   -9.579  -8.106  1.00 0.00 ? 2 G B "C4'"  1 
ATOM 329 O "O4'"  . G B 1 2 ? 2.840   -9.377  -7.869  1.00 0.00 ? 2 G B "O4'"  1 
ATOM 330 C "C3'"  . G B 1 2 ? 0.716   -8.937  -6.934  1.00 0.00 ? 2 G B "C3'"  1 
ATOM 331 O "O3'"  . G B 1 2 ? -0.584  -9.477  -6.751  1.00 0.00 ? 2 G B "O3'"  1 
ATOM 332 C "C2'"  . G B 1 2 ? 1.668   -9.317  -5.804  1.00 0.00 ? 2 G B "C2'"  1 
ATOM 333 O "O2'"  . G B 1 2 ? 1.487   -10.662 -5.400  1.00 0.00 ? 2 G B "O2'"  1 
ATOM 334 C "C1'"  . G B 1 2 ? 3.036   -9.191  -6.472  1.00 0.00 ? 2 G B "C1'"  1 
ATOM 335 N N9     . G B 1 2 ? 3.639   -7.872  -6.167  1.00 0.00 ? 2 G B N9     1 
ATOM 336 C C8     . G B 1 2 ? 3.780   -6.764  -6.964  1.00 0.00 ? 2 G B C8     1 
ATOM 337 N N7     . G B 1 2 ? 4.352   -5.753  -6.368  1.00 0.00 ? 2 G B N7     1 
ATOM 338 C C5     . G B 1 2 ? 4.615   -6.218  -5.077  1.00 0.00 ? 2 G B C5     1 
ATOM 339 C C6     . G B 1 2 ? 5.248   -5.586  -3.952  1.00 0.00 ? 2 G B C6     1 
ATOM 340 O O6     . G B 1 2 ? 5.733   -4.460  -3.865  1.00 0.00 ? 2 G B O6     1 
ATOM 341 N N1     . G B 1 2 ? 5.289   -6.404  -2.827  1.00 0.00 ? 2 G B N1     1 
ATOM 342 C C2     . G B 1 2 ? 4.817   -7.694  -2.795  1.00 0.00 ? 2 G B C2     1 
ATOM 343 N N2     . G B 1 2 ? 4.914   -8.349  -1.646  1.00 0.00 ? 2 G B N2     1 
ATOM 344 N N3     . G B 1 2 ? 4.252   -8.308  -3.842  1.00 0.00 ? 2 G B N3     1 
ATOM 345 C C4     . G B 1 2 ? 4.174   -7.517  -4.951  1.00 0.00 ? 2 G B C4     1 
ATOM 346 H "H5'"  . G B 1 2 ? 1.526   -9.664  -10.235 1.00 0.00 ? 2 G B "H5'"  1 
ATOM 347 H "H5''" . G B 1 2 ? -0.058  -9.202  -9.596  1.00 0.00 ? 2 G B "H5''" 1 
ATOM 348 H "H4'"  . G B 1 2 ? 1.257   -10.652 -8.072  1.00 0.00 ? 2 G B "H4'"  1 
ATOM 349 H "H3'"  . G B 1 2 ? 0.691   -7.853  -7.065  1.00 0.00 ? 2 G B "H3'"  1 
ATOM 350 H "H2'"  . G B 1 2 ? 1.562   -8.650  -4.951  1.00 0.00 ? 2 G B "H2'"  1 
ATOM 351 H "HO2'" . G B 1 2 ? 0.542   -10.791 -5.274  1.00 0.00 ? 2 G B "HO2'" 1 
ATOM 352 H "H1'"  . G B 1 2 ? 3.695   -9.968  -6.080  1.00 0.00 ? 2 G B "H1'"  1 
ATOM 353 H H8     . G B 1 2 ? 3.456   -6.738  -7.996  1.00 0.00 ? 2 G B H8     1 
ATOM 354 H H1     . G B 1 2 ? 5.704   -6.014  -1.992  1.00 0.00 ? 2 G B H1     1 
ATOM 355 H H21    . G B 1 2 ? 5.296   -7.898  -0.817  1.00 0.00 ? 2 G B H21    1 
ATOM 356 H H22    . G B 1 2 ? 4.582   -9.297  -1.614  1.00 0.00 ? 2 G B H22    1 
ATOM 357 P P      . C B 1 3 ? -1.729  -8.689  -5.927  1.00 0.00 ? 3 C B P      1 
ATOM 358 O OP1    . C B 1 3 ? -2.968  -9.492  -6.001  1.00 0.00 ? 3 C B OP1    1 
ATOM 359 O OP2    . C B 1 3 ? -1.730  -7.282  -6.379  1.00 0.00 ? 3 C B OP2    1 
ATOM 360 O "O5'"  . C B 1 3 ? -1.190  -8.723  -4.409  1.00 0.00 ? 3 C B "O5'"  1 
ATOM 361 C "C5'"  . C B 1 3 ? -1.302  -9.876  -3.598  1.00 0.00 ? 3 C B "C5'"  1 
ATOM 362 C "C4'"  . C B 1 3 ? -0.537  -9.688  -2.283  1.00 0.00 ? 3 C B "C4'"  1 
ATOM 363 O "O4'"  . C B 1 3 ? 0.799   -9.243  -2.507  1.00 0.00 ? 3 C B "O4'"  1 
ATOM 364 C "C3'"  . C B 1 3 ? -1.179  -8.674  -1.337  1.00 0.00 ? 3 C B "C3'"  1 
ATOM 365 O "O3'"  . C B 1 3 ? -2.220  -9.229  -0.546  1.00 0.00 ? 3 C B "O3'"  1 
ATOM 366 C "C2'"  . C B 1 3 ? 0.025   -8.328  -0.468  1.00 0.00 ? 3 C B "C2'"  1 
ATOM 367 O "O2'"  . C B 1 3 ? 0.243   -9.318  0.522   1.00 0.00 ? 3 C B "O2'"  1 
ATOM 368 C "C1'"  . C B 1 3 ? 1.187   -8.368  -1.453  1.00 0.00 ? 3 C B "C1'"  1 
ATOM 369 N N1     . C B 1 3 ? 1.539   -6.990  -1.908  1.00 0.00 ? 3 C B N1     1 
ATOM 370 C C2     . C B 1 3 ? 2.297   -6.192  -1.041  1.00 0.00 ? 3 C B C2     1 
ATOM 371 O O2     . C B 1 3 ? 2.612   -6.584  0.081   1.00 0.00 ? 3 C B O2     1 
ATOM 372 N N3     . C B 1 3 ? 2.698   -4.960  -1.446  1.00 0.00 ? 3 C B N3     1 
ATOM 373 C C4     . C B 1 3 ? 2.366   -4.502  -2.652  1.00 0.00 ? 3 C B C4     1 
ATOM 374 N N4     . C B 1 3 ? 2.828   -3.309  -2.996  1.00 0.00 ? 3 C B N4     1 
ATOM 375 C C5     . C B 1 3 ? 1.551   -5.265  -3.550  1.00 0.00 ? 3 C B C5     1 
ATOM 376 C C6     . C B 1 3 ? 1.150   -6.494  -3.133  1.00 0.00 ? 3 C B C6     1 
ATOM 377 H "H5'"  . C B 1 3 ? -0.889  -10.734 -4.126  1.00 0.00 ? 3 C B "H5'"  1 
ATOM 378 H "H5''" . C B 1 3 ? -2.354  -10.071 -3.381  1.00 0.00 ? 3 C B "H5''" 1 
ATOM 379 H "H4'"  . C B 1 3 ? -0.496  -10.647 -1.765  1.00 0.00 ? 3 C B "H4'"  1 
ATOM 380 H "H3'"  . C B 1 3 ? -1.512  -7.798  -1.898  1.00 0.00 ? 3 C B "H3'"  1 
ATOM 381 H "H2'"  . C B 1 3 ? -0.092  -7.347  -0.011  1.00 0.00 ? 3 C B "H2'"  1 
ATOM 382 H "HO2'" . C B 1 3 ? -0.625  -9.591  0.835   1.00 0.00 ? 3 C B "HO2'" 1 
ATOM 383 H "H1'"  . C B 1 3 ? 2.055   -8.790  -0.945  1.00 0.00 ? 3 C B "H1'"  1 
ATOM 384 H H41    . C B 1 3 ? 3.409   -2.818  -2.324  1.00 0.00 ? 3 C B H41    1 
ATOM 385 H H42    . C B 1 3 ? 2.626   -2.918  -3.900  1.00 0.00 ? 3 C B H42    1 
ATOM 386 H H5     . C B 1 3 ? 1.247   -4.905  -4.521  1.00 0.00 ? 3 C B H5     1 
ATOM 387 H H6     . C B 1 3 ? 0.525   -7.087  -3.783  1.00 0.00 ? 3 C B H6     1 
ATOM 388 P P      . A B 1 4 ? -3.362  -8.305  0.124   1.00 0.00 ? 4 A B P      1 
ATOM 389 O OP1    . A B 1 4 ? -4.132  -9.154  1.059   1.00 0.00 ? 4 A B OP1    1 
ATOM 390 O OP2    . A B 1 4 ? -4.058  -7.592  -0.967  1.00 0.00 ? 4 A B OP2    1 
ATOM 391 O "O5'"  . A B 1 4 ? -2.545  -7.208  0.985   1.00 0.00 ? 4 A B "O5'"  1 
ATOM 392 C "C5'"  . A B 1 4 ? -2.052  -7.474  2.284   1.00 0.00 ? 4 A B "C5'"  1 
ATOM 393 C "C4'"  . A B 1 4 ? -1.235  -6.290  2.821   1.00 0.00 ? 4 A B "C4'"  1 
ATOM 394 O "O4'"  . A B 1 4 ? -0.123  -5.963  1.994   1.00 0.00 ? 4 A B "O4'"  1 
ATOM 395 C "C3'"  . A B 1 4 ? -2.049  -5.006  2.983   1.00 0.00 ? 4 A B "C3'"  1 
ATOM 396 O "O3'"  . A B 1 4 ? -2.830  -5.044  4.168   1.00 0.00 ? 4 A B "O3'"  1 
ATOM 397 C "C2'"  . A B 1 4 ? -0.928  -3.964  2.987   1.00 0.00 ? 4 A B "C2'"  1 
ATOM 398 O "O2'"  . A B 1 4 ? -0.273  -3.894  4.244   1.00 0.00 ? 4 A B "O2'"  1 
ATOM 399 C "C1'"  . A B 1 4 ? 0.045   -4.551  1.959   1.00 0.00 ? 4 A B "C1'"  1 
ATOM 400 N N9     . A B 1 4 ? -0.212  -4.024  0.594   1.00 0.00 ? 4 A B N9     1 
ATOM 401 C C8     . A B 1 4 ? -1.015  -4.533  -0.398  1.00 0.00 ? 4 A B C8     1 
ATOM 402 N N7     . A B 1 4 ? -1.016  -3.839  -1.503  1.00 0.00 ? 4 A B N7     1 
ATOM 403 C C5     . A B 1 4 ? -0.164  -2.775  -1.220  1.00 0.00 ? 4 A B C5     1 
ATOM 404 C C6     . A B 1 4 ? 0.286   -1.662  -1.967  1.00 0.00 ? 4 A B C6     1 
ATOM 405 N N6     . A B 1 4 ? -0.060  -1.428  -3.233  1.00 0.00 ? 4 A B N6     1 
ATOM 406 N N1     . A B 1 4 ? 1.131   -0.784  -1.405  1.00 0.00 ? 4 A B N1     1 
ATOM 407 C C2     . A B 1 4 ? 1.524   -0.999  -0.152  1.00 0.00 ? 4 A B C2     1 
ATOM 408 N N3     . A B 1 4 ? 1.187   -2.003  0.662   1.00 0.00 ? 4 A B N3     1 
ATOM 409 C C4     . A B 1 4 ? 0.327   -2.874  0.059   1.00 0.00 ? 4 A B C4     1 
ATOM 410 H "H5'"  . A B 1 4 ? -1.420  -8.359  2.266   1.00 0.00 ? 4 A B "H5'"  1 
ATOM 411 H "H5''" . A B 1 4 ? -2.891  -7.660  2.957   1.00 0.00 ? 4 A B "H5''" 1 
ATOM 412 H "H4'"  . A B 1 4 ? -0.848  -6.560  3.804   1.00 0.00 ? 4 A B "H4'"  1 
ATOM 413 H "H3'"  . A B 1 4 ? -2.684  -4.855  2.110   1.00 0.00 ? 4 A B "H3'"  1 
ATOM 414 H "H2'"  . A B 1 4 ? -1.295  -2.980  2.690   1.00 0.00 ? 4 A B "H2'"  1 
ATOM 415 H "HO2'" . A B 1 4 ? -0.938  -3.686  4.914   1.00 0.00 ? 4 A B "HO2'" 1 
ATOM 416 H "H1'"  . A B 1 4 ? 1.068   -4.298  2.240   1.00 0.00 ? 4 A B "H1'"  1 
ATOM 417 H H8     . A B 1 4 ? -1.592  -5.436  -0.289  1.00 0.00 ? 4 A B H8     1 
ATOM 418 H H61    . A B 1 4 ? 0.306   -0.602  -3.679  1.00 0.00 ? 4 A B H61    1 
ATOM 419 H H62    . A B 1 4 ? -0.686  -2.064  -3.700  1.00 0.00 ? 4 A B H62    1 
ATOM 420 H H2     . A B 1 4 ? 2.206   -0.266  0.247   1.00 0.00 ? 4 A B H2     1 
ATOM 421 P P      . A B 1 5 ? -3.755  -3.808  4.635   1.00 0.00 ? 5 A B P      1 
ATOM 422 O OP1    . A B 1 5 ? -4.928  -4.356  5.350   1.00 0.00 ? 5 A B OP1    1 
ATOM 423 O OP2    . A B 1 5 ? -3.938  -2.893  3.489   1.00 0.00 ? 5 A B OP2    1 
ATOM 424 O "O5'"  . A B 1 5 ? -2.788  -3.091  5.708   1.00 0.00 ? 5 A B "O5'"  1 
ATOM 425 C "C5'"  . A B 1 5 ? -2.519  -3.691  6.962   1.00 0.00 ? 5 A B "C5'"  1 
ATOM 426 C "C4'"  . A B 1 5 ? -1.506  -2.872  7.764   1.00 0.00 ? 5 A B "C4'"  1 
ATOM 427 O "O4'"  . A B 1 5 ? -0.345  -2.598  6.988   1.00 0.00 ? 5 A B "O4'"  1 
ATOM 428 C "C3'"  . A B 1 5 ? -2.041  -1.527  8.262   1.00 0.00 ? 5 A B "C3'"  1 
ATOM 429 O "O3'"  . A B 1 5 ? -2.722  -1.612  9.506   1.00 0.00 ? 5 A B "O3'"  1 
ATOM 430 C "C2'"  . A B 1 5 ? -0.726  -0.775  8.445   1.00 0.00 ? 5 A B "C2'"  1 
ATOM 431 O "O2'"  . A B 1 5 ? -0.106  -1.115  9.674   1.00 0.00 ? 5 A B "O2'"  1 
ATOM 432 C "C1'"  . A B 1 5 ? 0.125   -1.292  7.293   1.00 0.00 ? 5 A B "C1'"  1 
ATOM 433 N N9     . A B 1 5 ? 0.033   -0.372  6.132   1.00 0.00 ? 5 A B N9     1 
ATOM 434 C C8     . A B 1 5 ? -0.607  -0.535  4.927   1.00 0.00 ? 5 A B C8     1 
ATOM 435 N N7     . A B 1 5 ? -0.387  0.428   4.075   1.00 0.00 ? 5 A B N7     1 
ATOM 436 C C5     . A B 1 5 ? 0.427   1.314   4.775   1.00 0.00 ? 5 A B C5     1 
ATOM 437 C C6     . A B 1 5 ? 1.048   2.544   4.451   1.00 0.00 ? 5 A B C6     1 
ATOM 438 N N6     . A B 1 5 ? 0.982   3.112   3.251   1.00 0.00 ? 5 A B N6     1 
ATOM 439 N N1     . A B 1 5 ? 1.786   3.177   5.380   1.00 0.00 ? 5 A B N1     1 
ATOM 440 C C2     . A B 1 5 ? 1.916   2.612   6.577   1.00 0.00 ? 5 A B C2     1 
ATOM 441 N N3     . A B 1 5 ? 1.410   1.457   7.005   1.00 0.00 ? 5 A B N3     1 
ATOM 442 C C4     . A B 1 5 ? 0.664   0.847   6.043   1.00 0.00 ? 5 A B C4     1 
ATOM 443 H "H5'"  . A B 1 5 ? -2.111  -4.689  6.799   1.00 0.00 ? 5 A B "H5'"  1 
ATOM 444 H "H5''" . A B 1 5 ? -3.445  -3.779  7.534   1.00 0.00 ? 5 A B "H5''" 1 
ATOM 445 H "H4'"  . A B 1 5 ? -1.203  -3.452  8.636   1.00 0.00 ? 5 A B "H4'"  1 
ATOM 446 H "H3'"  . A B 1 5 ? -2.651  -1.058  7.488   1.00 0.00 ? 5 A B "H3'"  1 
ATOM 447 H "H2'"  . A B 1 5 ? -0.878  0.297   8.384   1.00 0.00 ? 5 A B "H2'"  1 
ATOM 448 H "HO2'" . A B 1 5 ? -0.813  -1.216  10.320  1.00 0.00 ? 5 A B "HO2'" 1 
ATOM 449 H "H1'"  . A B 1 5 ? 1.168   -1.339  7.610   1.00 0.00 ? 5 A B "H1'"  1 
ATOM 450 H H8     . A B 1 5 ? -1.217  -1.393  4.689   1.00 0.00 ? 5 A B H8     1 
ATOM 451 H H61    . A B 1 5 ? 1.535   3.936   3.069   1.00 0.00 ? 5 A B H61    1 
ATOM 452 H H62    . A B 1 5 ? 0.464   2.652   2.509   1.00 0.00 ? 5 A B H62    1 
ATOM 453 H H2     . A B 1 5 ? 2.520   3.153   7.290   1.00 0.00 ? 5 A B H2     1 
ATOM 454 P P      . G B 1 6 ? -3.851  -0.540  9.938   1.00 0.00 ? 6 G B P      1 
ATOM 455 O OP1    . G B 1 6 ? -4.011  -0.634  11.406  1.00 0.00 ? 6 G B OP1    1 
ATOM 456 O OP2    . G B 1 6 ? -5.018  -0.746  9.057   1.00 0.00 ? 6 G B OP2    1 
ATOM 457 O "O5'"  . G B 1 6 ? -3.223  0.908   9.585   1.00 0.00 ? 6 G B "O5'"  1 
ATOM 458 C "C5'"  . G B 1 6 ? -2.363  1.609   10.465  1.00 0.00 ? 6 G B "C5'"  1 
ATOM 459 C "C4'"  . G B 1 6 ? -1.843  2.897   9.810   1.00 0.00 ? 6 G B "C4'"  1 
ATOM 460 O "O4'"  . G B 1 6 ? -1.128  2.630   8.609   1.00 0.00 ? 6 G B "O4'"  1 
ATOM 461 C "C3'"  . G B 1 6 ? -2.938  3.907   9.456   1.00 0.00 ? 6 G B "C3'"  1 
ATOM 462 O "O3'"  . G B 1 6 ? -3.268  4.742   10.557  1.00 0.00 ? 6 G B "O3'"  1 
ATOM 463 C "C2'"  . G B 1 6 ? -2.252  4.688   8.336   1.00 0.00 ? 6 G B "C2'"  1 
ATOM 464 O "O2'"  . G B 1 6 ? -1.355  5.650   8.859   1.00 0.00 ? 6 G B "O2'"  1 
ATOM 465 C "C1'"  . G B 1 6 ? -1.436  3.612   7.629   1.00 0.00 ? 6 G B "C1'"  1 
ATOM 466 N N9     . G B 1 6 ? -2.178  3.030   6.482   1.00 0.00 ? 6 G B N9     1 
ATOM 467 C C8     . G B 1 6 ? -2.960  1.902   6.419   1.00 0.00 ? 6 G B C8     1 
ATOM 468 N N7     . G B 1 6 ? -3.458  1.660   5.240   1.00 0.00 ? 6 G B N7     1 
ATOM 469 C C5     . G B 1 6 ? -2.983  2.704   4.452   1.00 0.00 ? 6 G B C5     1 
ATOM 470 C C6     . G B 1 6 ? -3.184  2.992   3.061   1.00 0.00 ? 6 G B C6     1 
ATOM 471 O O6     . G B 1 6 ? -3.827  2.360   2.226   1.00 0.00 ? 6 G B O6     1 
ATOM 472 N N1     . G B 1 6 ? -2.558  4.167   2.661   1.00 0.00 ? 6 G B N1     1 
ATOM 473 C C2     . G B 1 6 ? -1.820  4.971   3.497   1.00 0.00 ? 6 G B C2     1 
ATOM 474 N N2     . G B 1 6 ? -1.318  6.081   2.975   1.00 0.00 ? 6 G B N2     1 
ATOM 475 N N3     . G B 1 6 ? -1.612  4.710   4.796   1.00 0.00 ? 6 G B N3     1 
ATOM 476 C C4     . G B 1 6 ? -2.218  3.561   5.214   1.00 0.00 ? 6 G B C4     1 
ATOM 477 H "H5'"  . G B 1 6 ? -1.514  0.978   10.727  1.00 0.00 ? 6 G B "H5'"  1 
ATOM 478 H "H5''" . G B 1 6 ? -2.907  1.864   11.375  1.00 0.00 ? 6 G B "H5''" 1 
ATOM 479 H "H4'"  . G B 1 6 ? -1.155  3.383   10.502  1.00 0.00 ? 6 G B "H4'"  1 
ATOM 480 H "H3'"  . G B 1 6 ? -3.814  3.382   9.068   1.00 0.00 ? 6 G B "H3'"  1 
ATOM 481 H "H2'"  . G B 1 6 ? -2.973  5.159   7.671   1.00 0.00 ? 6 G B "H2'"  1 
ATOM 482 H "HO2'" . G B 1 6 ? -1.795  6.057   9.612   1.00 0.00 ? 6 G B "HO2'" 1 
ATOM 483 H "H1'"  . G B 1 6 ? -0.515  4.055   7.247   1.00 0.00 ? 6 G B "H1'"  1 
ATOM 484 H H8     . G B 1 6 ? -3.144  1.260   7.263   1.00 0.00 ? 6 G B H8     1 
ATOM 485 H H1     . G B 1 6 ? -2.698  4.443   1.699   1.00 0.00 ? 6 G B H1     1 
ATOM 486 H H21    . G B 1 6 ? -1.553  6.344   2.020   1.00 0.00 ? 6 G B H21    1 
ATOM 487 H H22    . G B 1 6 ? -0.780  6.689   3.569   1.00 0.00 ? 6 G B H22    1 
ATOM 488 P P      . C B 1 7 ? -4.664  5.548   10.628  1.00 0.00 ? 7 C B P      1 
ATOM 489 O OP1    . C B 1 7 ? -4.675  6.320   11.890  1.00 0.00 ? 7 C B OP1    1 
ATOM 490 O OP2    . C B 1 7 ? -5.757  4.597   10.334  1.00 0.00 ? 7 C B OP2    1 
ATOM 491 O "O5'"  . C B 1 7 ? -4.565  6.583   9.397   1.00 0.00 ? 7 C B "O5'"  1 
ATOM 492 C "C5'"  . C B 1 7 ? -3.863  7.807   9.491   1.00 0.00 ? 7 C B "C5'"  1 
ATOM 493 C "C4'"  . C B 1 7 ? -3.843  8.536   8.141   1.00 0.00 ? 7 C B "C4'"  1 
ATOM 494 O "O4'"  . C B 1 7 ? -3.233  7.775   7.102   1.00 0.00 ? 7 C B "O4'"  1 
ATOM 495 C "C3'"  . C B 1 7 ? -5.231  8.913   7.625   1.00 0.00 ? 7 C B "C3'"  1 
ATOM 496 O "O3'"  . C B 1 7 ? -5.747  10.061  8.284   1.00 0.00 ? 7 C B "O3'"  1 
ATOM 497 C "C2'"  . C B 1 7 ? -4.894  9.177   6.160   1.00 0.00 ? 7 C B "C2'"  1 
ATOM 498 O "O2'"  . C B 1 7 ? -4.274  10.437  5.981   1.00 0.00 ? 7 C B "O2'"  1 
ATOM 499 C "C1'"  . C B 1 7 ? -3.877  8.074   5.865   1.00 0.00 ? 7 C B "C1'"  1 
ATOM 500 N N1     . C B 1 7 ? -4.560  6.883   5.279   1.00 0.00 ? 7 C B N1     1 
ATOM 501 C C2     . C B 1 7 ? -4.733  6.821   3.889   1.00 0.00 ? 7 C B C2     1 
ATOM 502 O O2     . C B 1 7 ? -4.321  7.716   3.154   1.00 0.00 ? 7 C B O2     1 
ATOM 503 N N3     . C B 1 7 ? -5.383  5.755   3.344   1.00 0.00 ? 7 C B N3     1 
ATOM 504 C C4     . C B 1 7 ? -5.874  4.789   4.124   1.00 0.00 ? 7 C B C4     1 
ATOM 505 N N4     . C B 1 7 ? -6.470  3.759   3.542   1.00 0.00 ? 7 C B N4     1 
ATOM 506 C C5     . C B 1 7 ? -5.775  4.858   5.552   1.00 0.00 ? 7 C B C5     1 
ATOM 507 C C6     . C B 1 7 ? -5.115  5.913   6.079   1.00 0.00 ? 7 C B C6     1 
ATOM 508 H "H5'"  . C B 1 7 ? -2.838  7.623   9.810   1.00 0.00 ? 7 C B "H5'"  1 
ATOM 509 H "H5''" . C B 1 7 ? -4.349  8.444   10.231  1.00 0.00 ? 7 C B "H5''" 1 
ATOM 510 H "H4'"  . C B 1 7 ? -3.270  9.456   8.263   1.00 0.00 ? 7 C B "H4'"  1 
ATOM 511 H "H3'"  . C B 1 7 ? -5.902  8.049   7.703   1.00 0.00 ? 7 C B "H3'"  1 
ATOM 512 H "H2'"  . C B 1 7 ? -5.771  9.100   5.524   1.00 0.00 ? 7 C B "H2'"  1 
ATOM 513 H "HO2'" . C B 1 7 ? -4.803  11.081  6.461   1.00 0.00 ? 7 C B "HO2'" 1 
ATOM 514 H "H1'"  . C B 1 7 ? -3.139  8.451   5.155   1.00 0.00 ? 7 C B "H1'"  1 
ATOM 515 H H41    . C B 1 7 ? -6.544  3.744   2.530   1.00 0.00 ? 7 C B H41    1 
ATOM 516 H H42    . C B 1 7 ? -6.788  2.980   4.094   1.00 0.00 ? 7 C B H42    1 
ATOM 517 H H5     . C B 1 7 ? -6.195  4.134   6.230   1.00 0.00 ? 7 C B H5     1 
ATOM 518 H H6     . C B 1 7 ? -5.034  5.982   7.150   1.00 0.00 ? 7 C B H6     1 
ATOM 519 P P      . C B 1 8 ? -7.324  10.409  8.301   1.00 0.00 ? 8 C B P      1 
ATOM 520 O OP1    . C B 1 8 ? -7.521  11.582  9.180   1.00 0.00 ? 8 C B OP1    1 
ATOM 521 O OP2    . C B 1 8 ? -8.072  9.160   8.555   1.00 0.00 ? 8 C B OP2    1 
ATOM 522 O "O5'"  . C B 1 8 ? -7.627  10.857  6.785   1.00 0.00 ? 8 C B "O5'"  1 
ATOM 523 C "C5'"  . C B 1 8 ? -7.271  12.131  6.285   1.00 0.00 ? 8 C B "C5'"  1 
ATOM 524 C "C4'"  . C B 1 8 ? -7.525  12.191  4.775   1.00 0.00 ? 8 C B "C4'"  1 
ATOM 525 O "O4'"  . C B 1 8 ? -6.867  11.130  4.088   1.00 0.00 ? 8 C B "O4'"  1 
ATOM 526 C "C3'"  . C B 1 8 ? -9.004  12.097  4.396   1.00 0.00 ? 8 C B "C3'"  1 
ATOM 527 O "O3'"  . C B 1 8 ? -9.681  13.344  4.468   1.00 0.00 ? 8 C B "O3'"  1 
ATOM 528 C "C2'"  . C B 1 8 ? -8.881  11.631  2.948   1.00 0.00 ? 8 C B "C2'"  1 
ATOM 529 O "O2'"  . C B 1 8 ? -8.579  12.716  2.089   1.00 0.00 ? 8 C B "O2'"  1 
ATOM 530 C "C1'"  . C B 1 8 ? -7.674  10.697  2.997   1.00 0.00 ? 8 C B "C1'"  1 
ATOM 531 N N1     . C B 1 8 ? -8.106  9.272   3.107   1.00 0.00 ? 8 C B N1     1 
ATOM 532 C C2     . C B 1 8 ? -8.527  8.625   1.937   1.00 0.00 ? 8 C B C2     1 
ATOM 533 O O2     . C B 1 8 ? -8.601  9.222   0.864   1.00 0.00 ? 8 C B O2     1 
ATOM 534 N N3     . C B 1 8 ? -8.876  7.314   1.991   1.00 0.00 ? 8 C B N3     1 
ATOM 535 C C4     . C B 1 8 ? -8.835  6.646   3.144   1.00 0.00 ? 8 C B C4     1 
ATOM 536 N N4     . C B 1 8 ? -9.196  5.373   3.126   1.00 0.00 ? 8 C B N4     1 
ATOM 537 C C5     . C B 1 8 ? -8.471  7.287   4.371   1.00 0.00 ? 8 C B C5     1 
ATOM 538 C C6     . C B 1 8 ? -8.130  8.597   4.307   1.00 0.00 ? 8 C B C6     1 
ATOM 539 H "H5'"  . C B 1 8 ? -6.215  12.318  6.475   1.00 0.00 ? 8 C B "H5'"  1 
ATOM 540 H "H5''" . C B 1 8 ? -7.863  12.900  6.785   1.00 0.00 ? 8 C B "H5''" 1 
ATOM 541 H "H4'"  . C B 1 8 ? -7.139  13.136  4.393   1.00 0.00 ? 8 C B "H4'"  1 
ATOM 542 H "H3'"  . C B 1 8 ? -9.496  11.333  5.001   1.00 0.00 ? 8 C B "H3'"  1 
ATOM 543 H "H2'"  . C B 1 8 ? -9.784  11.121  2.612   1.00 0.00 ? 8 C B "H2'"  1 
ATOM 544 H "HO2'" . C B 1 8 ? -9.042  13.483  2.439   1.00 0.00 ? 8 C B "HO2'" 1 
ATOM 545 H "H1'"  . C B 1 8 ? -7.107  10.815  2.071   1.00 0.00 ? 8 C B "H1'"  1 
ATOM 546 H H41    . C B 1 8 ? -9.475  4.970   2.237   1.00 0.00 ? 8 C B H41    1 
ATOM 547 H H42    . C B 1 8 ? -9.208  4.833   3.975   1.00 0.00 ? 8 C B H42    1 
ATOM 548 H H5     . C B 1 8 ? -8.472  6.779   5.324   1.00 0.00 ? 8 C B H5     1 
ATOM 549 H H6     . C B 1 8 ? -7.871  9.105   5.220   1.00 0.00 ? 8 C B H6     1 
ATOM 550 P P      . U B 1 9 ? -11.280 13.426  4.672   1.00 0.00 ? 9 U B P      1 
ATOM 551 O OP1    . U B 1 9 ? -11.691 14.837  4.502   1.00 0.00 ? 9 U B OP1    1 
ATOM 552 O OP2    . U B 1 9 ? -11.621 12.705  5.915   1.00 0.00 ? 9 U B OP2    1 
ATOM 553 O "O5'"  . U B 1 9 ? -11.883 12.577  3.442   1.00 0.00 ? 9 U B "O5'"  1 
ATOM 554 C "C5'"  . U B 1 9 ? -12.020 13.116  2.141   1.00 0.00 ? 9 U B "C5'"  1 
ATOM 555 C "C4'"  . U B 1 9 ? -12.658 12.086  1.202   1.00 0.00 ? 9 U B "C4'"  1 
ATOM 556 O "O4'"  . U B 1 9 ? -11.841 10.936  1.018   1.00 0.00 ? 9 U B "O4'"  1 
ATOM 557 C "C3'"  . U B 1 9 ? -14.007 11.565  1.703   1.00 0.00 ? 9 U B "C3'"  1 
ATOM 558 O "O3'"  . U B 1 9 ? -15.085 12.453  1.457   1.00 0.00 ? 9 U B "O3'"  1 
ATOM 559 C "C2'"  . U B 1 9 ? -14.126 10.273  0.904   1.00 0.00 ? 9 U B "C2'"  1 
ATOM 560 O "O2'"  . U B 1 9 ? -14.577 10.524  -0.415  1.00 0.00 ? 9 U B "O2'"  1 
ATOM 561 C "C1'"  . U B 1 9 ? -12.673 9.788   0.865   1.00 0.00 ? 9 U B "C1'"  1 
ATOM 562 N N1     . U B 1 9 ? -12.425 8.762   1.922   1.00 0.00 ? 9 U B N1     1 
ATOM 563 C C2     . U B 1 9 ? -12.769 7.436   1.630   1.00 0.00 ? 9 U B C2     1 
ATOM 564 O O2     . U B 1 9 ? -13.265 7.090   0.560   1.00 0.00 ? 9 U B O2     1 
ATOM 565 N N3     . U B 1 9 ? -12.549 6.497   2.628   1.00 0.00 ? 9 U B N3     1 
ATOM 566 C C4     . U B 1 9 ? -12.093 6.769   3.906   1.00 0.00 ? 9 U B C4     1 
ATOM 567 O O4     . U B 1 9 ? -11.976 5.864   4.724   1.00 0.00 ? 9 U B O4     1 
ATOM 568 C C5     . U B 1 9 ? -11.795 8.168   4.145   1.00 0.00 ? 9 U B C5     1 
ATOM 569 C C6     . U B 1 9 ? -11.961 9.103   3.176   1.00 0.00 ? 9 U B C6     1 
ATOM 570 H "H5'"  . U B 1 9 ? -11.046 13.406  1.749   1.00 0.00 ? 9 U B "H5'"  1 
ATOM 571 H "H5''" . U B 1 9 ? -12.657 14.001  2.182   1.00 0.00 ? 9 U B "H5''" 1 
ATOM 572 H "H4'"  . U B 1 9 ? -12.808 12.549  0.225   1.00 0.00 ? 9 U B "H4'"  1 
ATOM 573 H "H3'"  . U B 1 9 ? -13.951 11.323  2.765   1.00 0.00 ? 9 U B "H3'"  1 
ATOM 574 H "HO3'" . U B 1 9 ? -14.999 13.204  2.051   1.00 0.00 ? 9 U B "HO3'" 1 
ATOM 575 H "H2'"  . U B 1 9 ? -14.788 9.560   1.400   1.00 0.00 ? 9 U B "H2'"  1 
ATOM 576 H "HO2'" . U B 1 9 ? -15.274 11.185  -0.351  1.00 0.00 ? 9 U B "HO2'" 1 
ATOM 577 H "H1'"  . U B 1 9 ? -12.481 9.337   -0.111  1.00 0.00 ? 9 U B "H1'"  1 
ATOM 578 H H3     . U B 1 9 ? -12.738 5.534   2.405   1.00 0.00 ? 9 U B H3     1 
ATOM 579 H H5     . U B 1 9 ? -11.429 8.460   5.119   1.00 0.00 ? 9 U B H5     1 
ATOM 580 H H6     . U B 1 9 ? -11.726 10.131  3.403   1.00 0.00 ? 9 U B H6     1 
# 
